data_9MKC
#
_entry.id   9MKC
#
_cell.length_a   72.660
_cell.length_b   77.151
_cell.length_c   92.470
_cell.angle_alpha   90.00
_cell.angle_beta   93.59
_cell.angle_gamma   90.00
#
_symmetry.space_group_name_H-M   'P 1 21 1'
#
loop_
_entity.id
_entity.type
_entity.pdbx_description
1 polymer 'Mucosa-associated lymphoid tissue lymphoma translocation protein 1'
2 non-polymer 'CALCIUM ION'
3 non-polymer "N-[(8R)-2-chloro-7-(propan-2-yl)pyrazolo[1,5-a]pyrimidin-6-yl]-N'-[5-chloro-6-(2H-1,2,3-triazol-2-yl)pyridin-3-yl]urea"
#
_entity_poly.entity_id   1
_entity_poly.type   'polypeptide(L)'
_entity_poly.pdbx_seq_one_letter_code
;TTDQPLAKDKVALLIGNMNYREHPKLKAPLVDVYELTNLLRQLDFKVVSLLDLTEYEMRNAVDEFLLLLDKGVYGLLYYA
GHGYENFGNSFMVPVDAPNPYRSENCLCVQNILKLMQEKETGLNVFLLDMCRKRNDYDDTIPILDALKVTANIVFGYATC
QGAEAFEIQHSGLANGIFMKFLKDRLLEDKKITVLLDEVAEDMGKCHLTKGKQALEIRSSLSEKRALTDPIQGTEYSAES
LVRNLQWAKAHELPESMCLKFDCGVQIQLGFAAEFSNVMIIYTSIVYKPPEIIMCDAYVTDFPLDLDIDPKDANKGTPEE
TGSYLVSKDLPKHCLYTRLSSLQKLKEHLVFTVCLSYQYSGLEDTVEDKQEVNVGKPLIAKLDMHR
;
_entity_poly.pdbx_strand_id   A,B
#
loop_
_chem_comp.id
_chem_comp.type
_chem_comp.name
_chem_comp.formula
A1BM0 non-polymer N-[(8R)-2-chloro-7-(propan-2-yl)pyrazolo[1,5-a]pyrimidin-6-yl]-N'-[5-chloro-6-(2H-1,2,3-triazol-2-yl)pyridin-3-yl]urea 'C17 H15 Cl2 N9 O'
CA non-polymer 'CALCIUM ION' 'Ca 2'
#
# COMPACT_ATOMS: atom_id res chain seq x y z
N PRO A 5 -19.91 7.86 8.72
CA PRO A 5 -21.25 7.49 8.25
C PRO A 5 -21.73 6.16 8.84
N LEU A 6 -22.79 5.61 8.25
CA LEU A 6 -23.33 4.35 8.71
C LEU A 6 -23.51 3.40 7.55
N ALA A 7 -23.38 2.12 7.85
CA ALA A 7 -23.69 1.06 6.92
C ALA A 7 -25.08 0.52 7.21
N LYS A 8 -25.87 0.24 6.18
CA LYS A 8 -27.16 -0.41 6.43
C LYS A 8 -27.00 -1.91 6.65
N ASP A 9 -25.95 -2.48 6.05
CA ASP A 9 -25.48 -3.83 6.36
C ASP A 9 -24.02 -3.92 5.93
N LYS A 10 -23.35 -4.99 6.33
CA LYS A 10 -21.98 -5.28 5.93
C LYS A 10 -21.91 -6.71 5.40
N VAL A 11 -21.70 -6.85 4.09
CA VAL A 11 -21.77 -8.15 3.43
C VAL A 11 -20.51 -8.41 2.62
N ALA A 12 -20.00 -9.64 2.64
CA ALA A 12 -18.76 -9.95 1.96
C ALA A 12 -18.74 -11.31 1.30
N LEU A 13 -18.16 -11.38 0.10
CA LEU A 13 -18.00 -12.63 -0.63
C LEU A 13 -16.54 -12.74 -1.03
N LEU A 14 -15.96 -13.89 -0.74
CA LEU A 14 -14.56 -14.14 -1.01
C LEU A 14 -14.43 -15.46 -1.76
N ILE A 15 -13.81 -15.41 -2.93
CA ILE A 15 -13.63 -16.60 -3.75
C ILE A 15 -12.13 -16.86 -3.88
N GLY A 16 -11.70 -18.08 -3.62
CA GLY A 16 -10.31 -18.46 -3.83
C GLY A 16 -10.19 -19.68 -4.72
N ASN A 17 -9.84 -19.48 -5.98
CA ASN A 17 -9.74 -20.59 -6.92
C ASN A 17 -8.30 -21.08 -7.04
N MET A 18 -8.15 -22.39 -6.96
CA MET A 18 -6.83 -23.02 -6.81
C MET A 18 -6.67 -24.27 -7.63
N ASN A 19 -7.64 -25.17 -7.50
CA ASN A 19 -7.51 -26.52 -8.04
C ASN A 19 -8.00 -26.54 -9.49
N TYR A 20 -7.22 -25.87 -10.32
CA TYR A 20 -7.58 -25.68 -11.71
C TYR A 20 -7.44 -26.95 -12.53
N ARG A 21 -8.41 -27.14 -13.40
CA ARG A 21 -8.52 -28.39 -14.14
C ARG A 21 -7.59 -28.45 -15.34
N GLU A 22 -7.45 -27.33 -16.03
CA GLU A 22 -6.73 -27.27 -17.30
C GLU A 22 -5.64 -26.20 -17.31
N HIS A 23 -5.33 -25.71 -16.12
CA HIS A 23 -4.45 -24.57 -15.90
C HIS A 23 -3.60 -24.90 -14.68
N PRO A 24 -2.45 -24.22 -14.44
CA PRO A 24 -1.60 -24.55 -13.31
C PRO A 24 -2.27 -24.28 -11.99
N LYS A 25 -2.03 -25.15 -11.02
CA LYS A 25 -2.77 -25.08 -9.78
C LYS A 25 -2.09 -24.11 -8.83
N LEU A 26 -2.88 -23.14 -8.38
CA LEU A 26 -2.41 -22.15 -7.43
C LEU A 26 -2.62 -22.65 -6.02
N LYS A 27 -1.97 -21.99 -5.06
CA LYS A 27 -1.91 -22.50 -3.68
C LYS A 27 -2.20 -21.39 -2.68
N ALA A 28 -1.74 -20.19 -2.99
CA ALA A 28 -1.96 -19.02 -2.12
C ALA A 28 -3.39 -18.62 -1.72
N PRO A 29 -4.42 -18.68 -2.59
CA PRO A 29 -5.77 -18.24 -2.27
C PRO A 29 -6.41 -18.76 -0.99
N LEU A 30 -6.10 -19.99 -0.60
CA LEU A 30 -6.59 -20.57 0.67
C LEU A 30 -6.26 -19.71 1.87
N VAL A 31 -4.98 -19.36 1.92
CA VAL A 31 -4.41 -18.63 3.03
C VAL A 31 -4.99 -17.22 3.12
N ASP A 32 -4.95 -16.54 1.97
CA ASP A 32 -5.35 -15.14 1.93
C ASP A 32 -6.87 -14.95 2.08
N VAL A 33 -7.68 -15.87 1.55
CA VAL A 33 -9.12 -15.87 1.84
C VAL A 33 -9.42 -16.13 3.31
N TYR A 34 -8.71 -17.08 3.93
CA TYR A 34 -8.91 -17.34 5.35
C TYR A 34 -8.61 -16.11 6.21
N GLU A 35 -7.43 -15.53 5.99
CA GLU A 35 -6.99 -14.34 6.70
C GLU A 35 -7.91 -13.14 6.53
N LEU A 36 -8.38 -12.94 5.30
CA LEU A 36 -9.24 -11.79 5.03
C LEU A 36 -10.65 -11.96 5.59
N THR A 37 -11.15 -13.19 5.61
CA THR A 37 -12.46 -13.44 6.23
C THR A 37 -12.43 -13.28 7.75
N ASN A 38 -11.30 -13.65 8.35
CA ASN A 38 -11.03 -13.41 9.76
C ASN A 38 -11.04 -11.91 10.08
N LEU A 39 -10.34 -11.14 9.26
CA LEU A 39 -10.40 -9.68 9.37
C LEU A 39 -11.81 -9.13 9.23
N LEU A 40 -12.51 -9.57 8.19
CA LEU A 40 -13.82 -9.02 7.92
C LEU A 40 -14.87 -9.36 8.99
N ARG A 41 -14.84 -10.57 9.53
CA ARG A 41 -15.77 -10.88 10.63
C ARG A 41 -15.49 -10.06 11.90
N GLN A 42 -14.22 -9.73 12.13
CA GLN A 42 -13.86 -8.79 13.19
C GLN A 42 -14.32 -7.36 12.95
N LEU A 43 -14.58 -7.02 11.70
CA LEU A 43 -15.13 -5.72 11.34
C LEU A 43 -16.66 -5.73 11.22
N ASP A 44 -17.31 -6.79 11.67
CA ASP A 44 -18.78 -6.85 11.68
C ASP A 44 -19.41 -7.28 10.36
N PHE A 45 -18.62 -7.81 9.43
CA PHE A 45 -19.18 -8.33 8.19
C PHE A 45 -19.71 -9.73 8.36
N LYS A 46 -20.85 -10.01 7.71
CA LYS A 46 -21.22 -11.38 7.40
C LYS A 46 -20.51 -11.77 6.11
N VAL A 47 -19.90 -12.96 6.11
CA VAL A 47 -18.93 -13.30 5.08
C VAL A 47 -19.26 -14.66 4.51
N VAL A 48 -19.12 -14.80 3.20
CA VAL A 48 -19.12 -16.10 2.55
C VAL A 48 -17.74 -16.30 1.95
N SER A 49 -17.20 -17.50 2.14
CA SER A 49 -15.84 -17.80 1.72
C SER A 49 -15.81 -19.13 1.00
N LEU A 50 -15.57 -19.08 -0.30
CA LEU A 50 -15.74 -20.25 -1.15
C LEU A 50 -14.44 -20.56 -1.88
N LEU A 51 -13.97 -21.77 -1.73
CA LEU A 51 -12.79 -22.23 -2.46
C LEU A 51 -13.21 -23.04 -3.68
N ASP A 52 -12.51 -22.82 -4.80
CA ASP A 52 -12.57 -23.75 -5.94
C ASP A 52 -13.94 -23.81 -6.60
N LEU A 53 -14.41 -22.67 -7.08
CA LEU A 53 -15.69 -22.63 -7.73
C LEU A 53 -15.53 -22.81 -9.23
N THR A 54 -16.40 -23.64 -9.76
CA THR A 54 -16.63 -23.73 -11.21
C THR A 54 -17.49 -22.55 -11.67
N GLU A 55 -17.56 -22.33 -12.97
CA GLU A 55 -18.29 -21.20 -13.54
C GLU A 55 -19.71 -21.03 -13.04
N TYR A 56 -20.42 -22.14 -12.99
CA TYR A 56 -21.80 -22.15 -12.52
C TYR A 56 -21.93 -21.81 -11.05
N GLU A 57 -21.08 -22.44 -10.24
CA GLU A 57 -21.06 -22.19 -8.80
C GLU A 57 -20.65 -20.75 -8.48
N MET A 58 -19.68 -20.28 -9.26
CA MET A 58 -19.13 -18.95 -9.12
C MET A 58 -20.14 -17.88 -9.51
N ARG A 59 -20.84 -18.10 -10.62
CA ARG A 59 -21.91 -17.18 -11.02
C ARG A 59 -23.07 -17.15 -10.04
N ASN A 60 -23.51 -18.31 -9.55
CA ASN A 60 -24.55 -18.33 -8.51
C ASN A 60 -24.15 -17.63 -7.22
N ALA A 61 -22.88 -17.80 -6.83
CA ALA A 61 -22.36 -17.13 -5.65
C ALA A 61 -22.30 -15.61 -5.79
N VAL A 62 -21.74 -15.13 -6.90
CA VAL A 62 -21.68 -13.69 -7.13
C VAL A 62 -23.06 -13.06 -7.27
N ASP A 63 -23.99 -13.74 -7.92
CA ASP A 63 -25.35 -13.20 -8.07
C ASP A 63 -26.06 -12.97 -6.76
N GLU A 64 -25.89 -13.89 -5.82
CA GLU A 64 -26.51 -13.70 -4.52
C GLU A 64 -25.81 -12.64 -3.67
N PHE A 65 -24.51 -12.44 -3.87
CA PHE A 65 -23.84 -11.28 -3.28
C PHE A 65 -24.39 -9.99 -3.84
N LEU A 66 -24.52 -9.93 -5.17
CA LEU A 66 -25.07 -8.74 -5.82
C LEU A 66 -26.52 -8.46 -5.41
N LEU A 67 -27.30 -9.52 -5.17
CA LEU A 67 -28.66 -9.37 -4.64
C LEU A 67 -28.75 -8.83 -3.22
N LEU A 68 -27.67 -8.95 -2.46
CA LEU A 68 -27.62 -8.36 -1.11
C LEU A 68 -27.19 -6.90 -1.13
N LEU A 69 -26.68 -6.42 -2.28
CA LEU A 69 -26.23 -5.03 -2.35
C LEU A 69 -27.42 -4.13 -2.56
N ASP A 70 -27.65 -3.30 -1.56
CA ASP A 70 -28.84 -2.47 -1.46
C ASP A 70 -28.43 -1.10 -0.93
N LYS A 71 -29.34 -0.15 -1.01
CA LYS A 71 -29.13 1.24 -0.61
C LYS A 71 -28.54 1.36 0.79
N GLY A 72 -27.28 1.79 0.83
CA GLY A 72 -26.65 2.00 2.12
C GLY A 72 -25.81 0.85 2.62
N VAL A 73 -25.89 -0.33 2.00
CA VAL A 73 -25.08 -1.45 2.51
C VAL A 73 -23.63 -1.31 2.05
N TYR A 74 -22.76 -1.93 2.80
CA TYR A 74 -21.34 -1.96 2.50
C TYR A 74 -21.06 -3.37 1.98
N GLY A 75 -20.55 -3.45 0.76
CA GLY A 75 -20.30 -4.74 0.13
C GLY A 75 -18.86 -4.92 -0.28
N LEU A 76 -18.23 -6.01 0.14
CA LEU A 76 -16.88 -6.35 -0.30
C LEU A 76 -16.88 -7.62 -1.12
N LEU A 77 -16.29 -7.55 -2.30
CA LEU A 77 -16.06 -8.73 -3.12
C LEU A 77 -14.55 -8.91 -3.26
N TYR A 78 -14.09 -10.13 -3.07
CA TYR A 78 -12.69 -10.45 -3.21
C TYR A 78 -12.56 -11.70 -4.04
N TYR A 79 -11.64 -11.66 -5.00
CA TYR A 79 -11.30 -12.82 -5.79
C TYR A 79 -9.81 -13.04 -5.76
N ALA A 80 -9.42 -14.30 -5.61
CA ALA A 80 -8.06 -14.71 -5.86
C ALA A 80 -8.04 -15.97 -6.72
N GLY A 81 -7.05 -16.05 -7.60
CA GLY A 81 -6.98 -17.15 -8.55
C GLY A 81 -6.45 -16.68 -9.88
N HIS A 82 -6.66 -17.47 -10.94
CA HIS A 82 -6.22 -17.05 -12.27
C HIS A 82 -7.16 -16.00 -12.83
N GLY A 83 -6.54 -15.04 -13.48
CA GLY A 83 -7.26 -14.06 -14.26
C GLY A 83 -6.69 -13.95 -15.65
N TYR A 84 -7.45 -13.27 -16.50
CA TYR A 84 -6.91 -12.81 -17.77
C TYR A 84 -7.47 -11.45 -18.10
N GLU A 85 -6.90 -10.83 -19.13
CA GLU A 85 -7.37 -9.52 -19.55
C GLU A 85 -7.33 -9.41 -21.06
N ASN A 86 -8.39 -8.84 -21.63
CA ASN A 86 -8.52 -8.65 -23.06
C ASN A 86 -9.28 -7.35 -23.30
N PHE A 87 -8.55 -6.36 -23.76
CA PHE A 87 -9.15 -5.15 -24.32
C PHE A 87 -9.83 -4.25 -23.29
N GLY A 88 -9.23 -4.22 -22.10
CA GLY A 88 -9.81 -3.42 -21.04
C GLY A 88 -10.69 -4.23 -20.10
N ASN A 89 -11.15 -5.36 -20.60
CA ASN A 89 -12.00 -6.26 -19.84
C ASN A 89 -11.12 -7.29 -19.19
N SER A 90 -11.25 -7.39 -17.88
CA SER A 90 -10.56 -8.39 -17.09
C SER A 90 -11.55 -9.51 -16.74
N PHE A 91 -11.01 -10.70 -16.56
CA PHE A 91 -11.83 -11.88 -16.38
C PHE A 91 -11.31 -12.71 -15.23
N MET A 92 -12.23 -13.14 -14.36
CA MET A 92 -11.93 -14.12 -13.32
C MET A 92 -12.18 -15.49 -13.92
N VAL A 93 -11.18 -16.37 -13.80
CA VAL A 93 -11.27 -17.67 -14.44
C VAL A 93 -11.71 -18.72 -13.40
N PRO A 94 -12.83 -19.44 -13.61
CA PRO A 94 -13.23 -20.53 -12.72
C PRO A 94 -12.39 -21.79 -12.91
N VAL A 95 -12.41 -22.66 -11.91
CA VAL A 95 -11.47 -23.79 -11.90
C VAL A 95 -11.70 -24.84 -12.98
N ASP A 96 -12.90 -24.85 -13.54
CA ASP A 96 -13.25 -25.75 -14.62
C ASP A 96 -13.03 -25.14 -16.01
N ALA A 97 -12.47 -23.93 -16.10
CA ALA A 97 -12.26 -23.31 -17.39
C ALA A 97 -11.31 -24.10 -18.30
N PRO A 98 -11.59 -24.19 -19.60
CA PRO A 98 -10.73 -24.91 -20.53
C PRO A 98 -9.48 -24.11 -20.84
N ASN A 99 -8.54 -24.81 -21.47
CA ASN A 99 -7.35 -24.16 -22.01
C ASN A 99 -7.48 -24.17 -23.52
N PRO A 100 -7.39 -23.03 -24.23
CA PRO A 100 -7.20 -21.69 -23.71
C PRO A 100 -8.48 -21.09 -23.13
N TYR A 101 -8.33 -19.95 -22.48
CA TYR A 101 -9.47 -19.25 -21.88
C TYR A 101 -10.45 -18.75 -22.93
N ARG A 102 -11.70 -18.61 -22.51
CA ARG A 102 -12.64 -17.82 -23.26
C ARG A 102 -13.47 -16.98 -22.33
N SER A 103 -13.92 -15.85 -22.85
CA SER A 103 -14.88 -14.98 -22.17
C SER A 103 -16.21 -15.65 -21.83
N GLU A 104 -16.60 -16.62 -22.66
CA GLU A 104 -17.79 -17.41 -22.42
C GLU A 104 -17.72 -18.29 -21.18
N ASN A 105 -16.51 -18.67 -20.77
CA ASN A 105 -16.33 -19.57 -19.63
C ASN A 105 -15.89 -18.83 -18.38
N CYS A 106 -15.89 -17.50 -18.42
CA CYS A 106 -15.28 -16.70 -17.38
C CYS A 106 -16.21 -15.59 -16.93
N LEU A 107 -15.96 -15.09 -15.74
CA LEU A 107 -16.77 -14.01 -15.21
C LEU A 107 -16.01 -12.72 -15.44
N CYS A 108 -16.64 -11.79 -16.15
CA CYS A 108 -15.99 -10.53 -16.48
C CYS A 108 -16.09 -9.57 -15.31
N VAL A 109 -14.93 -9.07 -14.91
CA VAL A 109 -14.77 -8.13 -13.80
C VAL A 109 -15.59 -6.86 -13.98
N GLN A 110 -15.52 -6.31 -15.18
CA GLN A 110 -16.21 -5.06 -15.48
C GLN A 110 -17.73 -5.18 -15.41
N ASN A 111 -18.27 -6.38 -15.66
CA ASN A 111 -19.70 -6.59 -15.51
C ASN A 111 -20.14 -6.62 -14.06
N ILE A 112 -19.38 -7.31 -13.22
CA ILE A 112 -19.62 -7.23 -11.77
C ILE A 112 -19.48 -5.81 -11.26
N LEU A 113 -18.44 -5.12 -11.72
CA LEU A 113 -18.18 -3.76 -11.27
C LEU A 113 -19.28 -2.78 -11.67
N LYS A 114 -19.79 -2.85 -12.89
CA LYS A 114 -20.88 -1.96 -13.28
C LYS A 114 -22.20 -2.28 -12.58
N LEU A 115 -22.40 -3.53 -12.19
CA LEU A 115 -23.54 -3.90 -11.36
C LEU A 115 -23.38 -3.47 -9.90
N MET A 116 -22.15 -3.49 -9.37
CA MET A 116 -21.90 -2.98 -8.02
C MET A 116 -22.10 -1.47 -7.93
N GLN A 117 -21.67 -0.78 -8.97
CA GLN A 117 -21.82 0.67 -9.08
C GLN A 117 -23.26 1.16 -9.26
N GLU A 118 -24.16 0.24 -9.59
CA GLU A 118 -25.55 0.59 -9.86
C GLU A 118 -26.36 0.85 -8.60
N LYS A 119 -25.95 0.28 -7.47
CA LYS A 119 -26.92 -0.01 -6.43
C LYS A 119 -27.22 1.12 -5.46
N GLU A 120 -26.33 2.11 -5.39
CA GLU A 120 -26.53 3.20 -4.42
C GLU A 120 -26.21 2.76 -2.98
N THR A 121 -25.45 1.68 -2.92
CA THR A 121 -24.64 1.23 -1.79
C THR A 121 -23.82 2.34 -1.12
N GLY A 122 -23.52 2.11 0.15
CA GLY A 122 -22.80 3.14 0.89
C GLY A 122 -21.30 2.97 0.77
N LEU A 123 -20.87 1.75 0.48
CA LEU A 123 -19.50 1.48 0.14
C LEU A 123 -19.46 0.20 -0.68
N ASN A 124 -18.86 0.27 -1.85
CA ASN A 124 -18.55 -0.93 -2.63
C ASN A 124 -17.06 -1.12 -2.62
N VAL A 125 -16.61 -2.32 -2.32
CA VAL A 125 -15.19 -2.65 -2.38
C VAL A 125 -15.06 -3.86 -3.28
N PHE A 126 -14.21 -3.79 -4.28
CA PHE A 126 -14.00 -4.93 -5.18
C PHE A 126 -12.52 -5.11 -5.38
N LEU A 127 -11.99 -6.22 -4.87
CA LEU A 127 -10.56 -6.47 -4.84
C LEU A 127 -10.25 -7.72 -5.64
N LEU A 128 -9.28 -7.65 -6.54
CA LEU A 128 -8.90 -8.81 -7.34
C LEU A 128 -7.43 -9.08 -7.26
N ASP A 129 -7.08 -10.31 -6.97
CA ASP A 129 -5.72 -10.74 -6.76
C ASP A 129 -5.40 -11.81 -7.81
N MET A 130 -5.02 -11.34 -8.99
CA MET A 130 -5.02 -12.20 -10.16
C MET A 130 -3.63 -12.75 -10.43
N CYS A 131 -3.58 -14.04 -10.72
CA CYS A 131 -2.44 -14.57 -11.46
C CYS A 131 -2.76 -14.38 -12.94
N ARG A 132 -1.93 -13.61 -13.62
CA ARG A 132 -2.01 -13.53 -15.07
C ARG A 132 -1.13 -14.61 -15.67
N LYS A 133 -1.40 -14.96 -16.92
CA LYS A 133 -0.41 -15.69 -17.71
C LYS A 133 0.77 -14.77 -18.05
N ARG A 134 1.95 -15.36 -18.18
CA ARG A 134 3.21 -14.65 -18.41
C ARG A 134 3.20 -13.49 -19.41
N ASN A 135 2.62 -13.77 -20.57
CA ASN A 135 2.65 -12.83 -21.70
C ASN A 135 1.38 -11.99 -21.84
N ASP A 136 0.51 -12.10 -20.84
CA ASP A 136 -0.81 -11.50 -20.88
C ASP A 136 -0.79 -10.16 -20.17
N TYR A 137 -0.11 -9.19 -20.77
CA TYR A 137 -0.04 -7.82 -20.25
C TYR A 137 -1.26 -7.01 -20.68
N ASP A 138 -1.41 -5.79 -20.14
CA ASP A 138 -2.54 -4.93 -20.51
C ASP A 138 -2.51 -4.46 -21.95
N ASP A 139 -3.69 -4.23 -22.51
CA ASP A 139 -3.81 -3.97 -23.95
C ASP A 139 -3.85 -2.48 -24.26
N THR A 140 -3.58 -2.18 -25.53
CA THR A 140 -3.76 -0.84 -26.06
C THR A 140 -5.27 -0.63 -26.27
N ILE A 141 -5.84 0.37 -25.62
CA ILE A 141 -7.28 0.60 -25.61
C ILE A 141 -7.58 2.11 -25.69
N PRO A 142 -8.78 2.54 -26.13
CA PRO A 142 -9.19 3.93 -26.01
C PRO A 142 -9.69 4.20 -24.59
N THR A 150 -20.59 8.31 -9.94
CA THR A 150 -20.58 6.89 -9.53
C THR A 150 -21.01 6.71 -8.06
N ALA A 151 -21.07 5.46 -7.62
CA ALA A 151 -21.28 5.19 -6.21
C ALA A 151 -19.98 5.39 -5.43
N ASN A 152 -20.04 5.15 -4.13
CA ASN A 152 -18.81 5.09 -3.35
C ASN A 152 -18.12 3.76 -3.62
N ILE A 153 -16.95 3.84 -4.24
CA ILE A 153 -16.30 2.67 -4.79
C ILE A 153 -14.83 2.67 -4.43
N VAL A 154 -14.33 1.50 -4.07
CA VAL A 154 -12.91 1.22 -4.01
C VAL A 154 -12.70 -0.01 -4.89
N PHE A 155 -11.94 0.15 -5.96
CA PHE A 155 -11.58 -0.96 -6.82
C PHE A 155 -10.09 -1.23 -6.62
N GLY A 156 -9.76 -2.48 -6.36
CA GLY A 156 -8.37 -2.90 -6.19
C GLY A 156 -8.06 -4.06 -7.10
N TYR A 157 -6.88 -4.01 -7.72
CA TYR A 157 -6.56 -4.94 -8.78
C TYR A 157 -5.07 -5.23 -8.77
N ALA A 158 -4.70 -6.43 -8.33
CA ALA A 158 -3.31 -6.85 -8.26
C ALA A 158 -3.05 -7.92 -9.29
N THR A 159 -1.85 -7.91 -9.85
CA THR A 159 -1.45 -8.87 -10.88
C THR A 159 -0.03 -9.35 -10.62
N CYS A 160 0.21 -10.63 -10.90
CA CYS A 160 1.58 -11.13 -11.10
C CYS A 160 1.58 -11.95 -12.37
N GLN A 161 2.70 -11.91 -13.07
CA GLN A 161 2.81 -12.58 -14.36
C GLN A 161 3.40 -13.96 -14.15
N GLY A 162 2.51 -14.95 -14.12
CA GLY A 162 2.97 -16.32 -14.01
C GLY A 162 2.79 -16.87 -12.60
N ALA A 163 2.52 -18.16 -12.53
CA ALA A 163 2.22 -18.78 -11.25
C ALA A 163 3.40 -18.82 -10.30
N GLU A 164 4.62 -18.88 -10.85
CA GLU A 164 5.82 -18.79 -10.02
C GLU A 164 5.95 -17.45 -9.31
N ALA A 165 5.76 -16.36 -10.06
CA ALA A 165 5.80 -15.02 -9.47
C ALA A 165 4.67 -14.78 -8.48
N PHE A 166 3.49 -15.28 -8.84
CA PHE A 166 2.34 -15.25 -7.95
C PHE A 166 2.59 -15.97 -6.63
N GLU A 167 3.07 -17.21 -6.72
CA GLU A 167 3.26 -17.99 -5.51
C GLU A 167 4.45 -17.55 -4.70
N ILE A 168 5.52 -17.06 -5.34
CA ILE A 168 6.62 -16.44 -4.58
C ILE A 168 6.13 -15.22 -3.82
N GLN A 169 5.45 -14.30 -4.50
CA GLN A 169 5.06 -13.06 -3.83
C GLN A 169 3.99 -13.27 -2.76
N HIS A 170 3.16 -14.28 -2.93
CA HIS A 170 2.14 -14.58 -1.92
C HIS A 170 2.62 -15.54 -0.84
N SER A 171 3.81 -16.14 -1.00
CA SER A 171 4.40 -16.95 0.08
C SER A 171 4.69 -16.11 1.32
N GLY A 172 4.54 -16.74 2.48
CA GLY A 172 4.48 -15.98 3.73
C GLY A 172 3.09 -16.02 4.33
N LEU A 173 3.05 -15.73 5.62
CA LEU A 173 1.78 -15.54 6.32
C LEU A 173 1.51 -14.06 6.45
N ALA A 174 0.23 -13.70 6.42
CA ALA A 174 -0.23 -12.36 6.77
C ALA A 174 0.06 -11.25 5.75
N ASN A 175 0.76 -11.63 4.69
CA ASN A 175 1.40 -10.66 3.80
C ASN A 175 0.56 -10.37 2.56
N GLY A 176 -0.75 -10.49 2.70
CA GLY A 176 -1.61 -10.38 1.53
C GLY A 176 -1.92 -8.93 1.28
N ILE A 177 -1.67 -8.52 0.04
CA ILE A 177 -1.66 -7.12 -0.39
C ILE A 177 -2.89 -6.32 0.02
N PHE A 178 -4.04 -6.96 -0.18
CA PHE A 178 -5.30 -6.29 0.09
C PHE A 178 -5.66 -6.28 1.57
N MET A 179 -5.13 -7.23 2.34
CA MET A 179 -5.30 -7.16 3.78
C MET A 179 -4.43 -6.04 4.38
N LYS A 180 -3.25 -5.81 3.80
CA LYS A 180 -2.48 -4.62 4.18
C LYS A 180 -3.19 -3.32 3.82
N PHE A 181 -3.72 -3.28 2.60
CA PHE A 181 -4.43 -2.10 2.12
C PHE A 181 -5.64 -1.75 2.98
N LEU A 182 -6.45 -2.75 3.32
CA LEU A 182 -7.63 -2.47 4.12
C LEU A 182 -7.26 -2.07 5.54
N LYS A 183 -6.26 -2.73 6.12
CA LYS A 183 -5.78 -2.33 7.44
C LYS A 183 -5.21 -0.92 7.50
N ASP A 184 -4.43 -0.57 6.48
CA ASP A 184 -3.79 0.75 6.46
C ASP A 184 -4.74 1.87 6.07
N ARG A 185 -5.72 1.56 5.22
CA ARG A 185 -6.41 2.63 4.50
C ARG A 185 -7.91 2.68 4.71
N LEU A 186 -8.49 1.59 5.19
CA LEU A 186 -9.95 1.47 5.27
C LEU A 186 -10.43 1.21 6.70
N LEU A 187 -9.52 1.19 7.66
CA LEU A 187 -9.88 1.10 9.07
C LEU A 187 -9.67 2.47 9.71
N GLU A 188 -10.59 2.80 10.60
CA GLU A 188 -10.62 4.02 11.41
C GLU A 188 -11.25 5.17 10.65
N CYS A 206 6.02 -6.90 3.27
CA CYS A 206 5.87 -7.77 2.12
C CYS A 206 6.84 -7.33 1.02
N HIS A 207 8.05 -7.90 1.02
CA HIS A 207 9.10 -7.46 0.09
C HIS A 207 8.73 -7.67 -1.36
N LEU A 208 9.20 -6.78 -2.19
CA LEU A 208 9.01 -6.89 -3.62
C LEU A 208 9.95 -7.96 -4.15
N THR A 209 9.37 -8.94 -4.82
CA THR A 209 10.12 -10.12 -5.29
C THR A 209 10.26 -10.09 -6.80
N LYS A 210 11.09 -11.00 -7.32
CA LYS A 210 11.39 -11.04 -8.74
C LYS A 210 10.19 -11.33 -9.65
N GLY A 211 10.28 -10.80 -10.85
CA GLY A 211 9.23 -10.98 -11.83
C GLY A 211 8.60 -9.66 -12.21
N LYS A 212 7.52 -9.79 -12.98
CA LYS A 212 6.69 -8.65 -13.30
C LYS A 212 5.41 -8.75 -12.48
N GLN A 213 5.05 -7.64 -11.86
CA GLN A 213 3.84 -7.55 -11.06
C GLN A 213 3.32 -6.13 -11.08
N ALA A 214 2.03 -5.98 -10.79
CA ALA A 214 1.42 -4.66 -10.70
C ALA A 214 0.30 -4.61 -9.70
N LEU A 215 0.05 -3.41 -9.20
CA LEU A 215 -1.07 -3.12 -8.31
C LEU A 215 -1.72 -1.85 -8.81
N GLU A 216 -3.04 -1.88 -8.86
CA GLU A 216 -3.85 -0.74 -9.20
C GLU A 216 -4.95 -0.60 -8.16
N ILE A 217 -5.07 0.59 -7.60
CA ILE A 217 -6.15 0.88 -6.68
C ILE A 217 -6.80 2.15 -7.19
N ARG A 218 -8.12 2.13 -7.36
CA ARG A 218 -8.86 3.29 -7.81
C ARG A 218 -10.03 3.51 -6.89
N SER A 219 -10.35 4.76 -6.63
CA SER A 219 -11.37 5.08 -5.66
C SER A 219 -12.15 6.31 -6.07
N SER A 220 -13.41 6.32 -5.70
CA SER A 220 -14.28 7.47 -5.83
C SER A 220 -15.20 7.42 -4.63
N LEU A 221 -15.03 8.39 -3.73
CA LEU A 221 -15.77 8.44 -2.48
C LEU A 221 -16.40 9.83 -2.34
N SER A 222 -17.68 9.89 -1.99
CA SER A 222 -18.37 11.17 -1.81
C SER A 222 -18.04 11.82 -0.46
N GLU A 223 -17.84 10.95 0.52
CA GLU A 223 -17.46 11.27 1.87
C GLU A 223 -16.57 10.14 2.31
N LYS A 224 -15.90 10.31 3.45
CA LYS A 224 -15.07 9.23 3.96
C LYS A 224 -15.93 8.05 4.35
N ARG A 225 -15.53 6.88 3.87
CA ARG A 225 -16.16 5.63 4.22
C ARG A 225 -15.05 4.72 4.69
N ALA A 226 -15.34 3.93 5.71
CA ALA A 226 -14.37 3.01 6.27
C ALA A 226 -15.08 1.73 6.63
N LEU A 227 -14.36 0.62 6.68
CA LEU A 227 -14.95 -0.64 7.11
C LEU A 227 -15.31 -0.68 8.60
N THR A 228 -14.78 0.28 9.35
CA THR A 228 -15.11 0.46 10.75
C THR A 228 -16.31 1.37 10.99
N ASP A 229 -17.01 1.81 9.94
CA ASP A 229 -18.23 2.59 10.15
C ASP A 229 -19.33 1.73 10.77
N PRO A 230 -20.06 2.20 11.80
CA PRO A 230 -21.09 1.40 12.44
C PRO A 230 -22.19 0.94 11.49
N ILE A 231 -22.73 -0.24 11.78
CA ILE A 231 -23.99 -0.61 11.15
C ILE A 231 -25.09 0.20 11.83
N GLN A 232 -25.97 0.74 11.01
CA GLN A 232 -27.17 1.42 11.46
C GLN A 232 -28.04 0.40 12.18
N GLY A 233 -28.15 0.58 13.48
CA GLY A 233 -28.41 -0.57 14.30
C GLY A 233 -29.87 -0.65 14.66
N THR A 234 -30.44 -1.80 14.33
CA THR A 234 -31.88 -1.97 14.43
C THR A 234 -32.21 -2.94 15.55
N GLU A 235 -33.15 -2.51 16.38
CA GLU A 235 -33.85 -3.42 17.27
C GLU A 235 -34.93 -4.18 16.51
N TYR A 236 -35.64 -3.48 15.65
CA TYR A 236 -36.88 -3.98 15.09
C TYR A 236 -36.87 -3.78 13.59
N SER A 237 -36.29 -4.76 12.88
CA SER A 237 -36.19 -4.71 11.44
C SER A 237 -36.43 -6.09 10.88
N ALA A 238 -37.41 -6.19 9.98
CA ALA A 238 -37.63 -7.43 9.25
C ALA A 238 -36.55 -7.67 8.21
N GLU A 239 -36.15 -6.60 7.52
CA GLU A 239 -35.12 -6.67 6.49
C GLU A 239 -33.78 -7.12 7.05
N SER A 240 -33.44 -6.62 8.23
CA SER A 240 -32.19 -7.03 8.89
C SER A 240 -32.24 -8.49 9.34
N LEU A 241 -33.41 -8.90 9.80
CA LEU A 241 -33.62 -10.28 10.22
C LEU A 241 -33.52 -11.27 9.08
N VAL A 242 -34.15 -10.93 7.95
CA VAL A 242 -33.98 -11.69 6.72
C VAL A 242 -32.54 -11.83 6.26
N ARG A 243 -31.81 -10.72 6.26
CA ARG A 243 -30.40 -10.73 5.84
C ARG A 243 -29.53 -11.62 6.71
N ASN A 244 -29.75 -11.54 8.02
CA ASN A 244 -29.00 -12.38 8.94
C ASN A 244 -29.32 -13.86 8.80
N LEU A 245 -30.61 -14.17 8.65
CA LEU A 245 -31.00 -15.58 8.57
C LEU A 245 -30.66 -16.22 7.23
N GLN A 246 -30.72 -15.44 6.14
CA GLN A 246 -30.29 -15.95 4.84
C GLN A 246 -28.84 -16.36 4.78
N TRP A 247 -28.00 -15.60 5.47
CA TRP A 247 -26.60 -15.98 5.60
C TRP A 247 -26.41 -17.13 6.60
N ALA A 248 -27.11 -17.06 7.72
CA ALA A 248 -26.94 -18.07 8.77
C ALA A 248 -27.36 -19.48 8.36
N LYS A 249 -28.38 -19.57 7.49
CA LYS A 249 -28.78 -20.86 6.91
C LYS A 249 -27.65 -21.59 6.17
N ALA A 250 -26.82 -20.79 5.50
CA ALA A 250 -25.68 -21.33 4.77
C ALA A 250 -24.49 -21.68 5.66
N HIS A 251 -24.63 -21.50 6.97
CA HIS A 251 -23.53 -21.69 7.90
C HIS A 251 -23.90 -22.49 9.13
N GLU A 252 -24.99 -23.26 9.04
CA GLU A 252 -25.26 -24.24 10.07
C GLU A 252 -24.30 -25.42 9.88
N LEU A 253 -23.51 -25.60 10.92
CA LEU A 253 -22.56 -26.69 11.02
C LEU A 253 -23.29 -27.83 11.73
N PRO A 254 -23.02 -29.11 11.39
CA PRO A 254 -23.64 -30.23 12.08
C PRO A 254 -23.46 -30.22 13.59
N GLU A 255 -24.54 -30.56 14.27
CA GLU A 255 -24.53 -30.63 15.72
C GLU A 255 -23.74 -31.88 16.14
N SER A 256 -22.55 -31.63 16.69
CA SER A 256 -21.57 -32.66 17.05
C SER A 256 -22.13 -33.85 17.84
N MET A 257 -21.61 -35.03 17.52
CA MET A 257 -22.28 -36.26 17.87
C MET A 257 -21.37 -37.11 18.75
N CYS A 258 -21.99 -37.97 19.54
CA CYS A 258 -21.26 -39.04 20.17
C CYS A 258 -22.03 -40.30 19.85
N LEU A 259 -21.32 -41.27 19.30
CA LEU A 259 -21.93 -42.48 18.79
C LEU A 259 -21.68 -43.60 19.78
N LYS A 260 -22.78 -44.28 20.13
CA LYS A 260 -22.73 -45.46 20.96
C LYS A 260 -22.42 -46.65 20.08
N PHE A 261 -21.38 -47.39 20.42
CA PHE A 261 -21.13 -48.68 19.78
C PHE A 261 -21.46 -49.77 20.77
N ASP A 262 -22.15 -50.81 20.30
CA ASP A 262 -22.76 -51.84 21.15
C ASP A 262 -21.80 -52.65 22.00
N CYS A 263 -20.53 -52.63 21.63
CA CYS A 263 -19.50 -53.27 22.44
C CYS A 263 -19.11 -52.46 23.67
N GLY A 264 -19.62 -51.23 23.79
CA GLY A 264 -19.42 -50.42 24.98
C GLY A 264 -18.53 -49.21 24.76
N VAL A 265 -18.03 -49.08 23.53
CA VAL A 265 -17.18 -47.95 23.17
C VAL A 265 -18.06 -46.76 22.82
N GLN A 266 -17.55 -45.58 23.11
CA GLN A 266 -18.16 -44.36 22.62
C GLN A 266 -17.15 -43.58 21.80
N ILE A 267 -17.58 -43.18 20.61
CA ILE A 267 -16.76 -42.38 19.72
C ILE A 267 -17.41 -41.01 19.61
N GLN A 268 -16.61 -39.99 19.82
CA GLN A 268 -16.99 -38.60 19.68
C GLN A 268 -16.66 -38.16 18.25
N LEU A 269 -17.64 -37.54 17.62
CA LEU A 269 -17.58 -37.05 16.25
C LEU A 269 -17.82 -35.55 16.30
N GLY A 270 -16.79 -34.79 16.01
CA GLY A 270 -16.88 -33.33 16.07
C GLY A 270 -16.66 -32.67 14.72
N PHE A 271 -17.14 -31.45 14.63
CA PHE A 271 -17.18 -30.71 13.36
C PHE A 271 -16.60 -29.32 13.52
N ALA A 272 -16.06 -28.78 12.43
CA ALA A 272 -15.59 -27.40 12.38
C ALA A 272 -15.66 -26.89 10.95
N ALA A 273 -16.01 -25.63 10.77
CA ALA A 273 -15.96 -25.02 9.44
C ALA A 273 -14.62 -24.34 9.25
N GLU A 274 -13.96 -24.64 8.15
CA GLU A 274 -12.77 -23.87 7.76
C GLU A 274 -13.14 -22.81 6.73
N PHE A 275 -14.10 -23.14 5.87
CA PHE A 275 -14.63 -22.21 4.87
C PHE A 275 -16.11 -22.50 4.73
N SER A 276 -16.85 -21.66 4.01
CA SER A 276 -18.26 -21.94 3.74
C SER A 276 -18.52 -23.23 2.96
N ASN A 277 -17.49 -23.72 2.28
CA ASN A 277 -17.55 -24.96 1.52
C ASN A 277 -16.53 -25.99 1.96
N VAL A 278 -15.98 -25.82 3.17
CA VAL A 278 -15.00 -26.77 3.71
C VAL A 278 -15.28 -27.02 5.18
N MET A 279 -15.53 -28.28 5.51
CA MET A 279 -15.75 -28.70 6.90
C MET A 279 -14.66 -29.67 7.31
N ILE A 280 -14.10 -29.47 8.50
CA ILE A 280 -13.23 -30.44 9.12
C ILE A 280 -14.09 -31.27 10.05
N ILE A 281 -13.90 -32.59 9.96
CA ILE A 281 -14.45 -33.53 10.93
C ILE A 281 -13.28 -34.00 11.77
N TYR A 282 -13.56 -34.29 13.04
CA TYR A 282 -12.59 -34.90 13.93
C TYR A 282 -13.24 -36.01 14.74
N THR A 283 -12.66 -37.20 14.67
CA THR A 283 -13.15 -38.36 15.40
C THR A 283 -12.20 -38.69 16.55
N SER A 284 -12.78 -39.01 17.70
CA SER A 284 -11.99 -39.40 18.87
C SER A 284 -12.72 -40.45 19.68
N ILE A 285 -11.98 -41.33 20.34
CA ILE A 285 -12.60 -42.30 21.24
C ILE A 285 -12.67 -41.63 22.60
N VAL A 286 -13.89 -41.46 23.12
CA VAL A 286 -14.02 -40.81 24.43
C VAL A 286 -13.85 -41.79 25.57
N TYR A 287 -14.26 -43.05 25.40
CA TYR A 287 -13.89 -44.09 26.35
C TYR A 287 -13.96 -45.47 25.75
N LYS A 288 -13.18 -46.36 26.36
CA LYS A 288 -13.33 -47.80 26.17
C LYS A 288 -14.00 -48.37 27.42
N PRO A 289 -14.77 -49.46 27.30
CA PRO A 289 -15.31 -50.19 28.45
C PRO A 289 -14.26 -51.11 29.07
N PRO A 290 -14.48 -51.61 30.30
CA PRO A 290 -13.56 -52.52 30.99
C PRO A 290 -13.01 -53.72 30.22
N GLU A 291 -13.86 -54.29 29.38
CA GLU A 291 -13.53 -55.52 28.69
C GLU A 291 -12.67 -55.31 27.45
N ILE A 292 -12.50 -54.07 27.03
CA ILE A 292 -11.81 -53.75 25.79
C ILE A 292 -10.53 -53.03 26.14
N ILE A 293 -9.45 -53.52 25.57
CA ILE A 293 -8.11 -53.04 25.92
C ILE A 293 -7.40 -52.40 24.74
N MET A 294 -7.98 -52.54 23.57
CA MET A 294 -7.43 -52.00 22.35
C MET A 294 -8.62 -51.54 21.52
N CYS A 295 -8.51 -50.34 20.96
CA CYS A 295 -9.60 -49.71 20.27
C CYS A 295 -9.03 -48.69 19.30
N ASP A 296 -9.65 -48.60 18.13
CA ASP A 296 -9.25 -47.65 17.10
C ASP A 296 -10.49 -47.28 16.31
N ALA A 297 -10.60 -46.06 15.80
CA ALA A 297 -11.79 -45.64 15.07
C ALA A 297 -11.46 -44.61 14.00
N TYR A 298 -12.28 -44.59 12.96
CA TYR A 298 -12.00 -43.76 11.78
C TYR A 298 -13.27 -43.52 10.96
N VAL A 299 -13.19 -42.66 9.95
CA VAL A 299 -14.31 -42.38 9.06
C VAL A 299 -14.00 -42.76 7.61
N THR A 300 -15.03 -43.18 6.90
CA THR A 300 -14.92 -43.63 5.53
C THR A 300 -16.27 -43.48 4.84
N ASP A 301 -16.26 -43.60 3.51
CA ASP A 301 -17.50 -43.80 2.74
C ASP A 301 -18.24 -42.52 2.43
N PHE A 302 -17.49 -41.46 2.20
CA PHE A 302 -18.07 -40.14 1.96
C PHE A 302 -18.74 -40.03 0.59
N PRO A 303 -19.69 -39.08 0.39
CA PRO A 303 -20.30 -38.83 -0.91
C PRO A 303 -19.29 -38.58 -2.02
N LEU A 304 -19.55 -39.18 -3.17
CA LEU A 304 -18.57 -39.23 -4.25
C LEU A 304 -18.32 -37.87 -4.91
N ASP A 305 -19.32 -37.00 -4.81
CA ASP A 305 -19.21 -35.65 -5.36
C ASP A 305 -18.19 -34.76 -4.66
N LEU A 306 -17.81 -35.15 -3.45
CA LEU A 306 -16.81 -34.41 -2.69
C LEU A 306 -15.39 -34.87 -3.01
N ASP A 307 -15.27 -36.06 -3.62
CA ASP A 307 -14.03 -36.57 -4.21
C ASP A 307 -12.87 -36.82 -3.23
N ILE A 308 -13.23 -37.00 -1.96
CA ILE A 308 -12.29 -37.19 -0.86
C ILE A 308 -11.32 -38.34 -1.10
N ASP A 309 -10.03 -38.00 -1.15
CA ASP A 309 -8.99 -39.03 -1.14
C ASP A 309 -8.85 -39.55 0.29
N PRO A 310 -9.00 -40.86 0.53
CA PRO A 310 -8.88 -41.40 1.88
C PRO A 310 -7.48 -41.33 2.48
N LYS A 311 -6.45 -41.07 1.68
CA LYS A 311 -5.12 -40.80 2.24
C LYS A 311 -5.00 -39.40 2.83
N ASP A 312 -5.97 -38.53 2.55
CA ASP A 312 -6.04 -37.19 3.13
C ASP A 312 -7.15 -37.11 4.19
N ALA A 313 -7.79 -38.23 4.44
CA ALA A 313 -8.68 -38.39 5.58
C ALA A 313 -7.92 -39.09 6.69
N ASN A 314 -8.46 -38.96 7.89
CA ASN A 314 -8.03 -39.78 9.03
C ASN A 314 -6.61 -39.49 9.53
N LYS A 315 -6.17 -38.26 9.34
CA LYS A 315 -4.79 -37.89 9.62
C LYS A 315 -4.63 -37.51 11.09
N GLY A 316 -3.38 -37.38 11.53
CA GLY A 316 -3.14 -37.17 12.96
C GLY A 316 -2.93 -35.72 13.36
N THR A 317 -2.97 -34.84 12.37
CA THR A 317 -3.15 -33.41 12.60
C THR A 317 -4.12 -32.89 11.54
N PRO A 318 -4.83 -31.78 11.78
CA PRO A 318 -5.59 -31.12 10.73
C PRO A 318 -4.70 -30.41 9.72
N GLU A 319 -3.51 -30.02 10.15
CA GLU A 319 -2.45 -29.56 9.26
C GLU A 319 -2.08 -30.57 8.18
N GLU A 320 -2.01 -31.85 8.55
CA GLU A 320 -1.79 -32.92 7.58
C GLU A 320 -2.92 -33.12 6.56
N THR A 321 -4.12 -32.64 6.88
CA THR A 321 -5.22 -32.71 5.89
C THR A 321 -5.19 -31.55 4.90
N GLY A 322 -4.37 -30.53 5.19
CA GLY A 322 -4.34 -29.34 4.35
C GLY A 322 -5.17 -28.19 4.90
N SER A 323 -5.58 -28.30 6.15
CA SER A 323 -6.38 -27.25 6.74
C SER A 323 -5.51 -26.08 7.20
N TYR A 324 -6.11 -24.89 7.17
CA TYR A 324 -5.57 -23.76 7.92
C TYR A 324 -5.66 -23.98 9.44
N LEU A 325 -6.67 -24.74 9.86
CA LEU A 325 -6.90 -24.98 11.27
C LEU A 325 -5.82 -25.90 11.84
N VAL A 326 -5.33 -25.53 13.01
CA VAL A 326 -4.22 -26.25 13.62
C VAL A 326 -4.71 -27.07 14.80
N SER A 327 -3.88 -28.05 15.16
CA SER A 327 -4.02 -28.89 16.36
C SER A 327 -3.86 -28.17 17.71
N LYS A 328 -4.04 -26.86 17.72
CA LYS A 328 -4.07 -26.04 18.92
C LYS A 328 -5.24 -25.05 18.88
N ASP A 329 -6.09 -25.19 17.87
CA ASP A 329 -7.38 -24.49 17.83
C ASP A 329 -8.50 -25.51 17.65
N LEU A 330 -8.24 -26.52 16.84
CA LEU A 330 -9.00 -27.77 16.93
C LEU A 330 -8.50 -28.59 18.13
N PRO A 331 -9.37 -29.38 18.77
CA PRO A 331 -8.99 -30.17 19.95
C PRO A 331 -8.03 -31.30 19.65
N LYS A 332 -7.37 -31.75 20.71
CA LYS A 332 -6.23 -32.66 20.57
C LYS A 332 -6.65 -34.10 20.37
N HIS A 333 -5.75 -34.88 19.78
CA HIS A 333 -5.78 -36.34 19.89
C HIS A 333 -6.69 -37.06 18.91
N CYS A 334 -7.31 -36.31 18.02
CA CYS A 334 -8.30 -36.88 17.12
C CYS A 334 -7.66 -37.38 15.83
N LEU A 335 -8.46 -38.14 15.08
CA LEU A 335 -8.18 -38.33 13.68
C LEU A 335 -8.98 -37.26 12.94
N TYR A 336 -8.33 -36.55 12.03
CA TYR A 336 -8.94 -35.38 11.41
C TYR A 336 -9.19 -35.66 9.93
N THR A 337 -10.32 -35.18 9.42
CA THR A 337 -10.67 -35.36 8.00
C THR A 337 -11.22 -34.05 7.47
N ARG A 338 -10.72 -33.62 6.32
CA ARG A 338 -11.20 -32.38 5.70
C ARG A 338 -12.14 -32.72 4.56
N LEU A 339 -13.40 -32.31 4.69
CA LEU A 339 -14.35 -32.40 3.61
C LEU A 339 -14.41 -31.05 2.92
N SER A 340 -13.73 -30.98 1.78
CA SER A 340 -13.86 -29.82 0.90
C SER A 340 -14.88 -30.10 -0.19
N SER A 341 -15.34 -29.03 -0.84
CA SER A 341 -16.22 -29.16 -2.00
C SER A 341 -17.69 -29.33 -1.64
N LEU A 342 -18.09 -28.82 -0.48
CA LEU A 342 -19.44 -29.08 0.03
C LEU A 342 -20.58 -28.54 -0.81
N GLN A 343 -20.30 -27.54 -1.64
CA GLN A 343 -21.27 -27.05 -2.59
C GLN A 343 -21.68 -28.05 -3.68
N LYS A 344 -20.89 -29.11 -3.85
CA LYS A 344 -21.18 -30.12 -4.86
C LYS A 344 -22.05 -31.25 -4.33
N LEU A 345 -22.52 -31.15 -3.09
CA LEU A 345 -23.30 -32.21 -2.49
C LEU A 345 -24.73 -32.22 -3.02
N LYS A 346 -25.03 -33.24 -3.81
CA LYS A 346 -26.35 -33.36 -4.45
C LYS A 346 -27.46 -33.76 -3.47
N GLU A 347 -27.07 -34.52 -2.46
CA GLU A 347 -28.01 -35.19 -1.56
C GLU A 347 -27.63 -34.91 -0.13
N HIS A 348 -27.55 -35.95 0.70
CA HIS A 348 -27.15 -35.78 2.08
C HIS A 348 -25.71 -36.18 2.28
N LEU A 349 -25.11 -35.58 3.28
CA LEU A 349 -23.76 -35.93 3.71
C LEU A 349 -23.90 -37.17 4.58
N VAL A 350 -23.50 -38.31 4.04
CA VAL A 350 -23.65 -39.59 4.72
C VAL A 350 -22.33 -40.31 4.67
N PHE A 351 -21.89 -40.84 5.81
CA PHE A 351 -20.63 -41.55 5.90
C PHE A 351 -20.70 -42.67 6.90
N THR A 352 -19.68 -43.51 6.88
CA THR A 352 -19.56 -44.62 7.81
C THR A 352 -18.48 -44.23 8.80
N VAL A 353 -18.80 -44.30 10.09
CA VAL A 353 -17.75 -44.36 11.10
C VAL A 353 -17.47 -45.85 11.31
N CYS A 354 -16.20 -46.19 11.24
CA CYS A 354 -15.74 -47.54 11.52
C CYS A 354 -15.09 -47.60 12.88
N LEU A 355 -15.35 -48.70 13.58
CA LEU A 355 -14.70 -49.02 14.84
C LEU A 355 -13.89 -50.28 14.64
N SER A 356 -12.70 -50.29 15.20
CA SER A 356 -11.99 -51.52 15.51
C SER A 356 -11.98 -51.67 17.03
N TYR A 357 -12.23 -52.86 17.54
CA TYR A 357 -12.14 -53.12 18.96
C TYR A 357 -11.50 -54.46 19.25
N GLN A 358 -10.87 -54.58 20.41
CA GLN A 358 -10.24 -55.82 20.79
C GLN A 358 -10.45 -56.06 22.27
N TYR A 359 -11.05 -57.22 22.51
CA TYR A 359 -11.42 -57.64 23.85
C TYR A 359 -10.20 -58.16 24.59
N SER A 360 -10.25 -58.06 25.91
CA SER A 360 -9.15 -58.28 26.83
C SER A 360 -8.22 -59.48 26.68
N GLY A 361 -8.68 -60.56 26.05
CA GLY A 361 -7.80 -61.69 25.78
C GLY A 361 -7.95 -62.24 24.37
N LEU A 362 -8.49 -61.44 23.47
CA LEU A 362 -8.86 -61.95 22.16
C LEU A 362 -7.73 -61.83 21.17
N GLU A 363 -7.65 -62.84 20.33
CA GLU A 363 -6.56 -63.00 19.38
C GLU A 363 -6.67 -62.10 18.15
N ASP A 364 -7.87 -61.58 17.92
CA ASP A 364 -8.16 -60.86 16.70
C ASP A 364 -9.01 -59.66 17.03
N THR A 365 -8.82 -58.62 16.23
CA THR A 365 -9.56 -57.40 16.38
C THR A 365 -10.93 -57.60 15.71
N VAL A 366 -11.96 -57.11 16.37
CA VAL A 366 -13.30 -57.09 15.83
C VAL A 366 -13.48 -55.77 15.11
N GLU A 367 -14.22 -55.79 14.01
CA GLU A 367 -14.59 -54.58 13.32
C GLU A 367 -16.08 -54.34 13.48
N ASP A 368 -16.45 -53.07 13.52
CA ASP A 368 -17.84 -52.64 13.58
C ASP A 368 -18.04 -51.33 12.84
N LYS A 369 -19.28 -51.00 12.55
CA LYS A 369 -19.62 -49.81 11.78
C LYS A 369 -20.87 -49.15 12.33
N GLN A 370 -21.00 -47.85 12.10
CA GLN A 370 -22.32 -47.26 12.00
C GLN A 370 -22.33 -46.15 10.96
N GLU A 371 -23.46 -46.05 10.27
CA GLU A 371 -23.66 -45.03 9.25
C GLU A 371 -24.23 -43.78 9.91
N VAL A 372 -23.68 -42.66 9.53
CA VAL A 372 -24.05 -41.36 10.06
C VAL A 372 -24.63 -40.56 8.90
N ASN A 373 -25.74 -39.87 9.13
CA ASN A 373 -26.17 -38.80 8.22
C ASN A 373 -25.88 -37.51 8.96
N VAL A 374 -25.26 -36.59 8.24
CA VAL A 374 -24.77 -35.33 8.76
C VAL A 374 -25.53 -34.14 8.13
N GLY A 375 -26.45 -34.44 7.21
CA GLY A 375 -27.38 -33.43 6.77
C GLY A 375 -26.94 -32.82 5.45
N LYS A 376 -27.03 -31.51 5.40
CA LYS A 376 -26.43 -30.72 4.33
C LYS A 376 -25.61 -29.64 5.01
N PRO A 377 -24.31 -29.85 5.29
CA PRO A 377 -23.53 -28.94 6.08
C PRO A 377 -23.13 -27.70 5.29
N LEU A 378 -23.30 -26.54 5.93
CA LEU A 378 -22.74 -25.29 5.41
C LEU A 378 -23.41 -24.89 4.09
N ILE A 379 -22.62 -24.49 3.09
CA ILE A 379 -23.19 -24.08 1.79
C ILE A 379 -23.94 -25.21 1.05
N ALA A 380 -23.73 -26.45 1.46
CA ALA A 380 -24.45 -27.59 0.88
C ALA A 380 -25.95 -27.52 1.06
N LYS A 381 -26.38 -26.78 2.07
CA LYS A 381 -27.78 -26.55 2.34
C LYS A 381 -28.50 -25.68 1.31
N LEU A 382 -27.76 -25.02 0.42
CA LEU A 382 -28.39 -24.26 -0.66
C LEU A 382 -28.88 -25.19 -1.77
N ASP A 383 -28.17 -26.30 -1.98
CA ASP A 383 -28.61 -27.40 -2.83
C ASP A 383 -28.71 -27.08 -4.31
N MET A 384 -27.72 -26.38 -4.81
CA MET A 384 -27.78 -25.82 -6.14
C MET A 384 -26.95 -26.69 -7.08
N PRO B 5 23.00 -8.97 -4.85
CA PRO B 5 22.40 -7.66 -5.16
C PRO B 5 23.21 -6.51 -4.56
N LEU B 6 23.91 -5.80 -5.42
CA LEU B 6 24.72 -4.67 -5.02
C LEU B 6 24.33 -3.48 -5.86
N ALA B 7 24.34 -2.32 -5.21
CA ALA B 7 24.20 -1.07 -5.92
C ALA B 7 25.60 -0.58 -6.24
N LYS B 8 25.78 0.03 -7.40
CA LYS B 8 27.07 0.66 -7.70
C LYS B 8 27.11 2.10 -7.16
N ASP B 9 25.93 2.68 -6.97
CA ASP B 9 25.73 3.96 -6.29
C ASP B 9 24.26 4.03 -5.91
N LYS B 10 23.92 5.04 -5.12
CA LYS B 10 22.56 5.32 -4.74
C LYS B 10 22.32 6.81 -4.91
N VAL B 11 21.50 7.18 -5.90
CA VAL B 11 21.27 8.59 -6.23
C VAL B 11 19.78 8.89 -6.25
N ALA B 12 19.39 10.07 -5.78
CA ALA B 12 17.97 10.44 -5.72
C ALA B 12 17.72 11.89 -6.04
N LEU B 13 16.72 12.16 -6.87
CA LEU B 13 16.22 13.52 -7.09
C LEU B 13 14.77 13.55 -6.65
N LEU B 14 14.44 14.50 -5.80
CA LEU B 14 13.06 14.71 -5.38
C LEU B 14 12.65 16.13 -5.68
N ILE B 15 11.53 16.27 -6.38
CA ILE B 15 10.99 17.59 -6.72
C ILE B 15 9.59 17.71 -6.10
N GLY B 16 9.36 18.83 -5.42
CA GLY B 16 8.03 19.12 -4.88
C GLY B 16 7.58 20.50 -5.32
N ASN B 17 6.58 20.56 -6.18
CA ASN B 17 6.12 21.85 -6.70
C ASN B 17 4.84 22.28 -6.02
N MET B 18 4.83 23.54 -5.60
CA MET B 18 3.83 24.04 -4.66
C MET B 18 3.30 25.39 -5.05
N ASN B 19 4.23 26.31 -5.27
CA ASN B 19 3.93 27.73 -5.39
C ASN B 19 3.66 28.09 -6.84
N TYR B 20 2.54 27.58 -7.34
CA TYR B 20 2.16 27.80 -8.73
C TYR B 20 1.65 29.20 -9.00
N ARG B 21 1.93 29.67 -10.21
CA ARG B 21 1.59 31.04 -10.56
C ARG B 21 0.18 31.15 -11.11
N GLU B 22 -0.12 30.32 -12.10
CA GLU B 22 -1.41 30.39 -12.78
C GLU B 22 -2.34 29.23 -12.42
N HIS B 23 -1.85 28.35 -11.57
CA HIS B 23 -2.57 27.16 -11.12
C HIS B 23 -2.68 27.25 -9.61
N PRO B 24 -3.63 26.54 -8.96
CA PRO B 24 -3.83 26.68 -7.52
C PRO B 24 -2.67 26.10 -6.73
N LYS B 25 -2.31 26.79 -5.67
CA LYS B 25 -1.11 26.45 -4.93
C LYS B 25 -1.35 25.22 -4.06
N LEU B 26 -0.36 24.34 -4.03
CA LEU B 26 -0.42 23.11 -3.26
C LEU B 26 0.51 23.26 -2.05
N LYS B 27 0.13 22.63 -0.95
CA LYS B 27 0.94 22.69 0.28
C LYS B 27 1.72 21.41 0.52
N ALA B 28 1.04 20.28 0.30
CA ALA B 28 1.56 18.95 0.62
C ALA B 28 3.00 18.55 0.28
N PRO B 29 3.52 18.81 -0.94
CA PRO B 29 4.82 18.31 -1.37
C PRO B 29 6.02 18.59 -0.49
N LEU B 30 6.05 19.71 0.23
CA LEU B 30 7.17 20.02 1.14
C LEU B 30 7.44 18.93 2.15
N VAL B 31 6.34 18.53 2.76
CA VAL B 31 6.35 17.59 3.85
C VAL B 31 6.80 16.21 3.38
N ASP B 32 6.25 15.82 2.23
CA ASP B 32 6.54 14.51 1.68
C ASP B 32 7.94 14.43 1.06
N VAL B 33 8.41 15.50 0.42
CA VAL B 33 9.80 15.57 -0.02
C VAL B 33 10.78 15.52 1.14
N TYR B 34 10.50 16.24 2.22
CA TYR B 34 11.40 16.23 3.39
C TYR B 34 11.49 14.84 4.02
N GLU B 35 10.34 14.22 4.21
CA GLU B 35 10.27 12.91 4.84
C GLU B 35 10.95 11.82 4.01
N LEU B 36 10.68 11.80 2.71
CA LEU B 36 11.31 10.82 1.85
C LEU B 36 12.80 11.06 1.66
N THR B 37 13.22 12.33 1.66
CA THR B 37 14.65 12.67 1.61
C THR B 37 15.38 12.16 2.85
N ASN B 38 14.74 12.32 4.01
CA ASN B 38 15.30 11.81 5.26
C ASN B 38 15.42 10.29 5.26
N LEU B 39 14.40 9.62 4.73
CA LEU B 39 14.45 8.18 4.55
C LEU B 39 15.61 7.75 3.67
N LEU B 40 15.72 8.37 2.51
CA LEU B 40 16.72 7.98 1.53
C LEU B 40 18.15 8.28 1.96
N ARG B 41 18.36 9.41 2.66
CA ARG B 41 19.68 9.68 3.23
C ARG B 41 20.12 8.64 4.25
N GLN B 42 19.18 8.20 5.07
CA GLN B 42 19.46 7.14 6.03
C GLN B 42 19.70 5.77 5.38
N LEU B 43 19.26 5.60 4.13
CA LEU B 43 19.52 4.40 3.36
C LEU B 43 20.79 4.52 2.49
N ASP B 44 21.55 5.59 2.68
CA ASP B 44 22.83 5.80 2.01
C ASP B 44 22.70 6.40 0.62
N PHE B 45 21.55 6.98 0.31
CA PHE B 45 21.42 7.69 -0.96
C PHE B 45 22.01 9.07 -0.82
N LYS B 46 22.68 9.49 -1.89
CA LYS B 46 22.93 10.90 -2.10
C LYS B 46 21.67 11.49 -2.71
N VAL B 47 21.17 12.55 -2.09
CA VAL B 47 19.84 13.04 -2.42
C VAL B 47 19.95 14.51 -2.77
N VAL B 48 19.27 14.91 -3.83
CA VAL B 48 18.93 16.31 -4.06
C VAL B 48 17.43 16.43 -3.82
N SER B 49 17.04 17.53 -3.20
CA SER B 49 15.64 17.75 -2.87
C SER B 49 15.30 19.19 -3.19
N LEU B 50 14.44 19.42 -4.17
CA LEU B 50 14.21 20.77 -4.69
C LEU B 50 12.74 21.13 -4.61
N LEU B 51 12.46 22.33 -4.14
CA LEU B 51 11.08 22.83 -4.11
C LEU B 51 10.89 23.89 -5.17
N ASP B 52 9.73 23.90 -5.81
CA ASP B 52 9.24 25.02 -6.60
C ASP B 52 10.05 25.31 -7.84
N LEU B 53 10.25 24.27 -8.64
CA LEU B 53 11.06 24.43 -9.83
C LEU B 53 10.20 24.87 -11.01
N THR B 54 10.73 25.87 -11.70
CA THR B 54 10.23 26.25 -13.01
C THR B 54 10.63 25.22 -14.05
N GLU B 55 10.04 25.32 -15.23
CA GLU B 55 10.33 24.41 -16.33
C GLU B 55 11.82 24.27 -16.64
N TYR B 56 12.50 25.41 -16.67
CA TYR B 56 13.94 25.41 -16.91
C TYR B 56 14.73 24.72 -15.80
N GLU B 57 14.43 25.12 -14.57
CA GLU B 57 15.11 24.59 -13.40
C GLU B 57 14.89 23.09 -13.23
N MET B 58 13.67 22.68 -13.55
CA MET B 58 13.21 21.31 -13.47
C MET B 58 13.82 20.44 -14.56
N ARG B 59 13.82 20.95 -15.80
CA ARG B 59 14.52 20.24 -16.87
C ARG B 59 16.02 20.06 -16.63
N ASN B 60 16.69 21.12 -16.15
CA ASN B 60 18.11 20.98 -15.82
C ASN B 60 18.40 19.98 -14.71
N ALA B 61 17.55 20.00 -13.68
CA ALA B 61 17.70 19.06 -12.57
C ALA B 61 17.50 17.61 -12.99
N VAL B 62 16.43 17.36 -13.75
CA VAL B 62 16.16 16.03 -14.26
C VAL B 62 17.25 15.52 -15.22
N ASP B 63 17.77 16.39 -16.09
CA ASP B 63 18.87 16.00 -16.97
C ASP B 63 20.12 15.57 -16.21
N GLU B 64 20.48 16.36 -15.21
CA GLU B 64 21.64 16.01 -14.40
C GLU B 64 21.42 14.77 -13.56
N PHE B 65 20.19 14.51 -13.12
CA PHE B 65 19.86 13.23 -12.51
C PHE B 65 20.09 12.06 -13.46
N LEU B 66 19.56 12.18 -14.67
CA LEU B 66 19.73 11.13 -15.68
C LEU B 66 21.19 10.87 -16.07
N LEU B 67 22.03 11.90 -15.98
CA LEU B 67 23.47 11.72 -16.19
C LEU B 67 24.18 10.90 -15.11
N LEU B 68 23.60 10.86 -13.91
CA LEU B 68 24.22 10.08 -12.83
C LEU B 68 23.88 8.61 -12.90
N LEU B 69 22.88 8.27 -13.70
CA LEU B 69 22.40 6.91 -13.88
C LEU B 69 23.37 6.08 -14.73
N ASP B 70 24.48 5.72 -14.11
CA ASP B 70 25.48 4.85 -14.69
C ASP B 70 25.18 3.39 -14.44
N LYS B 71 26.06 2.55 -14.96
CA LYS B 71 25.89 1.11 -14.86
C LYS B 71 25.89 0.63 -13.42
N GLY B 72 24.77 0.06 -13.02
CA GLY B 72 24.70 -0.56 -11.72
C GLY B 72 24.17 0.34 -10.61
N VAL B 73 24.01 1.64 -10.88
CA VAL B 73 23.53 2.52 -9.82
C VAL B 73 22.03 2.36 -9.61
N TYR B 74 21.61 2.71 -8.41
CA TYR B 74 20.20 2.71 -8.07
C TYR B 74 19.76 4.16 -8.11
N GLY B 75 18.70 4.42 -8.87
CA GLY B 75 18.23 5.79 -9.07
C GLY B 75 16.78 5.95 -8.68
N LEU B 76 16.49 6.94 -7.84
CA LEU B 76 15.11 7.25 -7.46
C LEU B 76 14.76 8.67 -7.91
N LEU B 77 13.71 8.77 -8.70
CA LEU B 77 13.14 10.07 -9.04
C LEU B 77 11.76 10.16 -8.39
N TYR B 78 11.56 11.22 -7.63
CA TYR B 78 10.25 11.49 -7.01
C TYR B 78 9.74 12.83 -7.52
N TYR B 79 8.46 12.86 -7.85
CA TYR B 79 7.80 14.12 -8.13
C TYR B 79 6.46 14.20 -7.39
N ALA B 80 6.18 15.39 -6.87
CA ALA B 80 4.87 15.72 -6.34
C ALA B 80 4.51 17.15 -6.68
N GLY B 81 3.22 17.40 -6.87
CA GLY B 81 2.78 18.69 -7.39
C GLY B 81 1.67 18.49 -8.39
N HIS B 82 1.43 19.49 -9.26
CA HIS B 82 0.40 19.30 -10.28
C HIS B 82 0.93 18.41 -11.40
N GLY B 83 0.07 17.51 -11.82
CA GLY B 83 0.27 16.79 -13.06
C GLY B 83 -0.95 16.93 -13.93
N TYR B 84 -0.79 16.61 -15.20
CA TYR B 84 -1.96 16.50 -16.07
C TYR B 84 -1.80 15.33 -17.02
N GLU B 85 -2.92 14.81 -17.48
CA GLU B 85 -2.94 13.74 -18.47
C GLU B 85 -3.59 14.25 -19.74
N ASN B 86 -2.95 13.94 -20.85
CA ASN B 86 -3.41 14.37 -22.15
C ASN B 86 -2.98 13.33 -23.15
N PHE B 87 -3.96 12.64 -23.73
CA PHE B 87 -3.73 11.91 -24.96
C PHE B 87 -2.95 10.61 -24.83
N GLY B 88 -2.93 10.09 -23.61
CA GLY B 88 -2.16 8.89 -23.33
C GLY B 88 -0.83 9.16 -22.66
N ASN B 89 -0.45 10.43 -22.62
CA ASN B 89 0.76 10.85 -21.92
C ASN B 89 0.40 11.60 -20.66
N SER B 90 1.33 11.55 -19.73
CA SER B 90 1.19 12.21 -18.44
C SER B 90 2.36 13.16 -18.25
N PHE B 91 2.08 14.27 -17.61
CA PHE B 91 3.00 15.40 -17.58
C PHE B 91 3.16 15.90 -16.17
N MET B 92 4.40 16.24 -15.82
CA MET B 92 4.69 16.92 -14.57
C MET B 92 4.73 18.41 -14.87
N VAL B 93 3.96 19.17 -14.10
CA VAL B 93 3.78 20.59 -14.41
C VAL B 93 4.70 21.44 -13.51
N PRO B 94 5.61 22.23 -14.07
CA PRO B 94 6.41 23.18 -13.29
C PRO B 94 5.63 24.41 -12.83
N VAL B 95 6.15 25.09 -11.79
CA VAL B 95 5.37 26.15 -11.14
C VAL B 95 5.02 27.37 -11.99
N ASP B 96 5.80 27.56 -13.04
CA ASP B 96 5.63 28.66 -13.97
C ASP B 96 4.82 28.29 -15.20
N ALA B 97 4.26 27.08 -15.25
CA ALA B 97 3.44 26.69 -16.39
C ALA B 97 2.20 27.58 -16.53
N PRO B 98 1.83 27.98 -17.76
CA PRO B 98 0.64 28.77 -17.97
C PRO B 98 -0.63 27.95 -17.84
N ASN B 99 -1.75 28.66 -17.71
CA ASN B 99 -3.08 28.05 -17.72
C ASN B 99 -3.67 28.42 -19.08
N PRO B 100 -4.27 27.49 -19.84
CA PRO B 100 -4.36 26.05 -19.59
C PRO B 100 -3.04 25.33 -19.85
N TYR B 101 -2.96 24.09 -19.36
CA TYR B 101 -1.73 23.31 -19.49
C TYR B 101 -1.43 23.00 -20.94
N ARG B 102 -0.14 23.06 -21.27
CA ARG B 102 0.31 22.68 -22.60
C ARG B 102 1.63 21.96 -22.47
N SER B 103 1.77 20.89 -23.24
CA SER B 103 2.89 19.95 -23.15
C SER B 103 4.26 20.54 -23.41
N GLU B 104 4.30 21.61 -24.19
CA GLU B 104 5.51 22.39 -24.43
C GLU B 104 6.10 23.01 -23.18
N ASN B 105 5.27 23.21 -22.16
CA ASN B 105 5.67 23.87 -20.92
C ASN B 105 5.89 22.87 -19.79
N CYS B 106 5.83 21.58 -20.08
CA CYS B 106 5.76 20.54 -19.07
C CYS B 106 6.69 19.38 -19.38
N LEU B 107 7.02 18.60 -18.36
CA LEU B 107 7.94 17.49 -18.52
C LEU B 107 7.12 16.21 -18.61
N CYS B 108 7.34 15.43 -19.67
CA CYS B 108 6.54 14.23 -19.89
C CYS B 108 7.11 13.05 -19.13
N VAL B 109 6.24 12.41 -18.34
CA VAL B 109 6.58 11.23 -17.54
C VAL B 109 7.12 10.06 -18.37
N GLN B 110 6.48 9.81 -19.50
CA GLN B 110 6.86 8.67 -20.32
C GLN B 110 8.21 8.86 -21.00
N ASN B 111 8.58 10.11 -21.20
CA ASN B 111 9.89 10.43 -21.76
C ASN B 111 10.98 10.19 -20.73
N ILE B 112 10.77 10.67 -19.50
CA ILE B 112 11.67 10.37 -18.39
C ILE B 112 11.80 8.86 -18.15
N LEU B 113 10.67 8.17 -18.22
CA LEU B 113 10.65 6.72 -17.97
C LEU B 113 11.40 5.92 -19.04
N LYS B 114 11.42 6.42 -20.28
CA LYS B 114 12.28 5.86 -21.32
C LYS B 114 13.75 6.12 -21.06
N LEU B 115 14.05 7.36 -20.68
CA LEU B 115 15.42 7.74 -20.37
C LEU B 115 16.00 7.01 -19.16
N MET B 116 15.16 6.67 -18.20
CA MET B 116 15.60 5.91 -17.04
C MET B 116 15.86 4.45 -17.37
N GLN B 117 14.93 3.84 -18.12
CA GLN B 117 15.06 2.40 -18.41
C GLN B 117 16.12 2.08 -19.47
N GLU B 118 16.55 3.09 -20.22
CA GLU B 118 17.62 2.93 -21.21
C GLU B 118 18.98 2.66 -20.58
N LYS B 119 19.17 3.12 -19.34
CA LYS B 119 20.45 3.01 -18.68
C LYS B 119 20.67 1.61 -18.13
N GLU B 120 21.93 1.21 -18.03
CA GLU B 120 22.27 -0.08 -17.42
C GLU B 120 22.27 -0.05 -15.88
N THR B 121 21.36 0.72 -15.30
CA THR B 121 21.15 0.83 -13.87
C THR B 121 20.80 -0.50 -13.20
N GLY B 122 20.93 -0.53 -11.88
CA GLY B 122 20.57 -1.74 -11.17
C GLY B 122 19.15 -1.71 -10.62
N LEU B 123 18.62 -0.51 -10.45
CA LEU B 123 17.28 -0.31 -9.96
C LEU B 123 16.88 1.10 -10.35
N ASN B 124 15.78 1.23 -11.08
CA ASN B 124 15.14 2.53 -11.24
C ASN B 124 13.90 2.55 -10.37
N VAL B 125 13.68 3.67 -9.71
CA VAL B 125 12.44 3.90 -8.98
C VAL B 125 11.92 5.24 -9.47
N PHE B 126 10.70 5.29 -10.00
CA PHE B 126 10.13 6.55 -10.48
C PHE B 126 8.75 6.70 -9.89
N LEU B 127 8.58 7.71 -9.05
CA LEU B 127 7.40 7.84 -8.21
C LEU B 127 6.77 9.20 -8.46
N LEU B 128 5.49 9.21 -8.82
CA LEU B 128 4.78 10.45 -9.11
C LEU B 128 3.53 10.57 -8.26
N ASP B 129 3.39 11.68 -7.55
CA ASP B 129 2.30 11.91 -6.62
C ASP B 129 1.58 13.19 -7.01
N MET B 130 0.67 13.05 -7.97
CA MET B 130 0.15 14.22 -8.68
C MET B 130 -1.16 14.70 -8.05
N CYS B 131 -1.34 16.01 -8.06
CA CYS B 131 -2.67 16.58 -8.09
C CYS B 131 -3.07 16.71 -9.56
N ARG B 132 -4.28 16.32 -9.89
CA ARG B 132 -4.86 16.65 -11.19
C ARG B 132 -6.05 17.55 -10.93
N LYS B 133 -6.25 18.52 -11.80
CA LYS B 133 -7.47 19.32 -11.74
C LYS B 133 -8.53 18.61 -12.57
N ARG B 134 -9.80 18.93 -12.29
CA ARG B 134 -10.90 18.20 -12.93
C ARG B 134 -10.99 18.34 -14.44
N ASN B 135 -10.42 19.43 -14.95
CA ASN B 135 -10.39 19.69 -16.39
C ASN B 135 -9.63 18.69 -17.26
N ASP B 136 -8.59 18.05 -16.72
CA ASP B 136 -7.87 17.04 -17.53
C ASP B 136 -8.48 15.64 -17.37
N TYR B 137 -9.60 15.58 -16.67
CA TYR B 137 -10.52 14.46 -16.79
C TYR B 137 -11.58 14.74 -17.87
N ASP B 138 -11.71 16.00 -18.28
CA ASP B 138 -12.66 16.35 -19.35
C ASP B 138 -12.01 16.25 -20.73
N ASP B 139 -10.73 16.63 -20.83
CA ASP B 139 -10.13 16.98 -22.11
C ASP B 139 -9.99 15.92 -23.19
N THR B 140 -9.62 14.70 -22.82
CA THR B 140 -9.26 13.69 -23.81
C THR B 140 -9.75 12.31 -23.41
N ILE B 141 -9.97 11.49 -24.43
CA ILE B 141 -9.99 10.04 -24.27
C ILE B 141 -8.54 9.60 -24.49
N PRO B 142 -7.82 9.09 -23.47
CA PRO B 142 -6.38 8.95 -23.56
C PRO B 142 -6.04 7.56 -24.13
N VAL B 149 6.92 -1.76 -21.22
CA VAL B 149 8.39 -1.62 -21.27
C VAL B 149 9.03 -2.20 -19.99
N THR B 150 10.34 -2.45 -20.04
CA THR B 150 10.95 -3.28 -19.02
C THR B 150 12.42 -2.92 -18.81
N ALA B 151 12.82 -2.98 -17.55
CA ALA B 151 14.19 -2.92 -17.06
C ALA B 151 14.13 -3.55 -15.67
N ASN B 152 15.06 -3.18 -14.80
CA ASN B 152 14.71 -3.19 -13.37
C ASN B 152 14.12 -1.83 -13.04
N ILE B 153 12.81 -1.82 -12.81
CA ILE B 153 12.03 -0.60 -12.69
C ILE B 153 10.91 -0.82 -11.70
N VAL B 154 10.73 0.17 -10.83
CA VAL B 154 9.55 0.28 -9.99
C VAL B 154 8.93 1.62 -10.37
N PHE B 155 7.77 1.56 -11.02
CA PHE B 155 7.08 2.79 -11.41
C PHE B 155 5.87 2.93 -10.52
N GLY B 156 5.77 4.06 -9.84
CA GLY B 156 4.62 4.37 -9.01
C GLY B 156 3.97 5.66 -9.47
N TYR B 157 2.65 5.64 -9.53
CA TYR B 157 1.91 6.76 -10.09
C TYR B 157 0.64 6.94 -9.27
N ALA B 158 0.48 8.10 -8.66
CA ALA B 158 -0.69 8.40 -7.85
C ALA B 158 -1.32 9.71 -8.27
N THR B 159 -2.65 9.75 -8.19
CA THR B 159 -3.41 10.93 -8.61
C THR B 159 -4.54 11.19 -7.63
N CYS B 160 -4.80 12.48 -7.35
CA CYS B 160 -6.07 12.89 -6.76
C CYS B 160 -6.75 13.91 -7.66
N GLN B 161 -8.07 13.86 -7.63
CA GLN B 161 -8.93 14.79 -8.32
C GLN B 161 -9.14 16.03 -7.46
N GLY B 162 -8.39 17.08 -7.78
CA GLY B 162 -8.63 18.37 -7.16
C GLY B 162 -7.64 18.65 -6.04
N ALA B 163 -7.27 19.92 -5.92
CA ALA B 163 -6.32 20.32 -4.88
C ALA B 163 -6.87 20.11 -3.47
N GLU B 164 -8.17 20.29 -3.32
CA GLU B 164 -8.85 20.01 -2.08
C GLU B 164 -8.71 18.55 -1.64
N ALA B 165 -8.99 17.62 -2.55
CA ALA B 165 -8.86 16.21 -2.23
C ALA B 165 -7.42 15.79 -2.00
N PHE B 166 -6.54 16.36 -2.84
CA PHE B 166 -5.10 16.16 -2.70
C PHE B 166 -4.58 16.55 -1.33
N GLU B 167 -4.97 17.74 -0.87
CA GLU B 167 -4.50 18.21 0.42
C GLU B 167 -5.14 17.48 1.58
N ILE B 168 -6.44 17.20 1.50
CA ILE B 168 -7.10 16.39 2.52
C ILE B 168 -6.45 15.01 2.66
N GLN B 169 -6.17 14.36 1.53
CA GLN B 169 -5.53 13.06 1.55
C GLN B 169 -4.07 13.08 2.01
N HIS B 170 -3.37 14.20 1.81
CA HIS B 170 -1.95 14.27 2.17
C HIS B 170 -1.70 14.86 3.56
N SER B 171 -2.73 15.44 4.17
CA SER B 171 -2.61 16.06 5.49
C SER B 171 -2.15 15.08 6.57
N GLY B 172 -1.26 15.56 7.44
CA GLY B 172 -0.59 14.69 8.40
C GLY B 172 0.91 14.61 8.14
N LEU B 173 1.61 14.05 9.12
CA LEU B 173 3.04 13.80 8.98
C LEU B 173 3.26 12.30 8.90
N ALA B 174 4.31 11.93 8.18
CA ALA B 174 4.78 10.54 8.12
C ALA B 174 3.89 9.61 7.33
N ASN B 175 3.09 10.19 6.43
CA ASN B 175 1.89 9.52 5.93
C ASN B 175 1.78 9.56 4.42
N GLY B 176 2.93 9.61 3.76
CA GLY B 176 2.93 9.65 2.32
C GLY B 176 2.95 8.24 1.78
N ILE B 177 2.06 8.00 0.82
CA ILE B 177 1.81 6.67 0.27
C ILE B 177 3.05 5.95 -0.23
N PHE B 178 3.89 6.70 -0.93
CA PHE B 178 5.10 6.14 -1.50
C PHE B 178 6.19 5.90 -0.48
N MET B 179 6.22 6.69 0.60
CA MET B 179 7.15 6.39 1.67
C MET B 179 6.75 5.13 2.40
N LYS B 180 5.45 4.97 2.62
CA LYS B 180 4.89 3.74 3.18
C LYS B 180 5.19 2.51 2.32
N PHE B 181 4.94 2.64 1.02
CA PHE B 181 5.31 1.60 0.06
C PHE B 181 6.78 1.19 0.13
N LEU B 182 7.66 2.17 0.09
CA LEU B 182 9.09 1.88 0.12
C LEU B 182 9.52 1.18 1.40
N LYS B 183 9.04 1.67 2.55
CA LYS B 183 9.26 1.00 3.82
C LYS B 183 8.77 -0.45 3.87
N ASP B 184 7.58 -0.69 3.33
CA ASP B 184 6.99 -2.02 3.42
C ASP B 184 7.59 -3.02 2.44
N ARG B 185 7.93 -2.54 1.25
CA ARG B 185 8.18 -3.44 0.13
C ARG B 185 9.59 -3.39 -0.41
N LEU B 186 10.34 -2.34 -0.09
CA LEU B 186 11.65 -2.10 -0.72
C LEU B 186 12.76 -1.84 0.28
N LEU B 187 12.46 -1.94 1.57
CA LEU B 187 13.49 -2.03 2.59
C LEU B 187 13.48 -3.48 3.05
N GLU B 188 14.67 -4.04 3.18
CA GLU B 188 14.81 -5.46 3.42
C GLU B 188 15.83 -5.66 4.54
N CYS B 206 -2.09 5.16 5.94
CA CYS B 206 -2.86 6.39 5.87
C CYS B 206 -4.27 6.12 5.34
N HIS B 207 -5.28 6.68 6.00
CA HIS B 207 -6.67 6.47 5.60
C HIS B 207 -6.97 7.00 4.22
N LEU B 208 -7.89 6.31 3.55
CA LEU B 208 -8.45 6.78 2.30
C LEU B 208 -9.52 7.83 2.60
N THR B 209 -9.71 8.77 1.67
CA THR B 209 -10.64 9.86 1.89
C THR B 209 -11.38 10.23 0.62
N LYS B 210 -12.21 11.26 0.75
CA LYS B 210 -13.13 11.66 -0.29
C LYS B 210 -12.46 12.25 -1.52
N GLY B 211 -13.19 12.16 -2.62
CA GLY B 211 -12.67 12.56 -3.91
C GLY B 211 -12.52 11.35 -4.79
N LYS B 212 -12.08 11.60 -6.02
CA LYS B 212 -11.60 10.50 -6.84
C LYS B 212 -10.09 10.46 -6.70
N GLN B 213 -9.58 9.24 -6.55
CA GLN B 213 -8.14 9.07 -6.47
C GLN B 213 -7.74 7.74 -7.07
N ALA B 214 -6.46 7.63 -7.40
CA ALA B 214 -5.92 6.38 -7.91
C ALA B 214 -4.45 6.23 -7.54
N LEU B 215 -4.06 4.97 -7.42
CA LEU B 215 -2.69 4.55 -7.23
C LEU B 215 -2.44 3.46 -8.23
N GLU B 216 -1.26 3.51 -8.83
CA GLU B 216 -0.84 2.54 -9.79
C GLU B 216 0.63 2.26 -9.55
N ILE B 217 0.97 1.01 -9.26
CA ILE B 217 2.35 0.62 -9.02
C ILE B 217 2.64 -0.54 -9.96
N ARG B 218 3.67 -0.37 -10.78
CA ARG B 218 4.12 -1.39 -11.72
C ARG B 218 5.57 -1.72 -11.40
N SER B 219 5.89 -3.00 -11.41
CA SER B 219 7.17 -3.49 -10.98
C SER B 219 7.69 -4.49 -12.00
N SER B 220 8.96 -4.35 -12.37
CA SER B 220 9.64 -5.31 -13.21
C SER B 220 11.02 -5.49 -12.59
N LEU B 221 11.26 -6.67 -12.06
CA LEU B 221 12.50 -6.99 -11.35
C LEU B 221 13.08 -8.25 -11.98
N SER B 222 14.31 -8.17 -12.47
CA SER B 222 15.00 -9.37 -12.96
C SER B 222 15.44 -10.30 -11.83
N GLU B 223 15.72 -9.70 -10.70
CA GLU B 223 16.13 -10.35 -9.48
C GLU B 223 15.67 -9.47 -8.34
N LYS B 224 15.79 -9.96 -7.11
CA LYS B 224 15.36 -9.17 -5.97
C LYS B 224 16.28 -7.96 -5.77
N ARG B 225 15.64 -6.81 -5.57
CA ARG B 225 16.34 -5.56 -5.32
C ARG B 225 15.64 -4.89 -4.16
N ALA B 226 16.42 -4.18 -3.35
CA ALA B 226 15.89 -3.37 -2.28
C ALA B 226 16.69 -2.10 -2.18
N LEU B 227 16.13 -1.06 -1.59
CA LEU B 227 16.87 0.18 -1.35
C LEU B 227 18.00 0.01 -0.31
N THR B 228 17.93 -1.09 0.42
CA THR B 228 18.88 -1.45 1.47
C THR B 228 20.04 -2.31 0.97
N ASP B 229 20.13 -2.57 -0.34
CA ASP B 229 21.26 -3.35 -0.85
C ASP B 229 22.59 -2.57 -0.71
N PRO B 230 23.71 -3.22 -0.34
CA PRO B 230 24.98 -2.53 -0.18
C PRO B 230 25.48 -1.83 -1.43
N ILE B 231 26.17 -0.72 -1.21
CA ILE B 231 26.86 -0.06 -2.30
C ILE B 231 28.20 -0.77 -2.46
N GLN B 232 28.43 -1.32 -3.65
CA GLN B 232 29.77 -1.74 -4.02
C GLN B 232 30.48 -0.50 -4.55
N GLY B 233 31.61 -0.19 -3.95
CA GLY B 233 32.42 0.92 -4.42
C GLY B 233 33.77 0.38 -4.84
N THR B 234 33.72 -0.45 -5.88
CA THR B 234 34.82 -1.33 -6.19
C THR B 234 34.93 -1.59 -7.69
N GLU B 235 34.56 -0.59 -8.50
CA GLU B 235 34.74 -0.61 -9.95
C GLU B 235 34.49 0.79 -10.47
N TYR B 236 35.05 1.16 -11.62
CA TYR B 236 34.69 2.42 -12.31
C TYR B 236 34.98 3.67 -11.48
N SER B 237 36.21 3.75 -11.00
CA SER B 237 36.59 4.69 -9.96
C SER B 237 36.42 6.17 -10.28
N ALA B 238 36.59 6.51 -11.56
CA ALA B 238 36.39 7.89 -12.01
C ALA B 238 34.93 8.32 -11.97
N GLU B 239 34.03 7.36 -12.21
CA GLU B 239 32.61 7.68 -12.20
C GLU B 239 32.08 7.89 -10.79
N SER B 240 32.57 7.07 -9.86
CA SER B 240 32.31 7.28 -8.46
C SER B 240 32.79 8.64 -7.98
N LEU B 241 34.04 8.97 -8.33
CA LEU B 241 34.65 10.25 -8.01
C LEU B 241 33.82 11.44 -8.49
N VAL B 242 33.44 11.39 -9.77
CA VAL B 242 32.61 12.44 -10.35
C VAL B 242 31.23 12.57 -9.73
N ARG B 243 30.52 11.45 -9.53
CA ARG B 243 29.17 11.53 -8.97
C ARG B 243 29.15 12.08 -7.55
N ASN B 244 30.11 11.62 -6.74
CA ASN B 244 30.23 12.13 -5.38
C ASN B 244 30.60 13.59 -5.32
N LEU B 245 31.56 14.00 -6.16
CA LEU B 245 31.95 15.41 -6.18
C LEU B 245 30.83 16.32 -6.66
N GLN B 246 30.15 15.91 -7.72
CA GLN B 246 29.05 16.70 -8.25
C GLN B 246 27.90 16.91 -7.28
N TRP B 247 27.53 15.84 -6.58
CA TRP B 247 26.52 15.96 -5.55
C TRP B 247 27.01 16.81 -4.38
N ALA B 248 28.25 16.61 -3.98
CA ALA B 248 28.75 17.26 -2.78
C ALA B 248 29.00 18.75 -2.97
N LYS B 249 29.36 19.13 -4.19
CA LYS B 249 29.46 20.55 -4.55
C LYS B 249 28.12 21.29 -4.50
N ALA B 250 27.02 20.56 -4.65
CA ALA B 250 25.69 21.16 -4.51
C ALA B 250 25.23 21.27 -3.07
N HIS B 251 26.06 20.90 -2.10
CA HIS B 251 25.63 20.72 -0.72
C HIS B 251 26.58 21.33 0.29
N GLU B 252 27.25 22.40 -0.10
CA GLU B 252 28.04 23.16 0.86
C GLU B 252 27.14 24.19 1.53
N LEU B 253 26.97 24.02 2.83
CA LEU B 253 26.26 24.97 3.65
C LEU B 253 27.29 25.88 4.33
N PRO B 254 27.04 27.19 4.48
CA PRO B 254 27.87 28.09 5.27
C PRO B 254 28.08 27.66 6.71
N GLU B 255 29.28 27.91 7.21
CA GLU B 255 29.55 27.64 8.63
C GLU B 255 29.11 28.83 9.47
N SER B 256 28.80 28.51 10.71
CA SER B 256 28.21 29.49 11.62
C SER B 256 29.26 30.45 12.14
N MET B 257 28.85 31.69 12.28
CA MET B 257 29.76 32.79 12.57
C MET B 257 29.39 33.39 13.90
N CYS B 258 30.38 33.99 14.55
CA CYS B 258 30.10 34.88 15.66
C CYS B 258 30.52 36.26 15.19
N LEU B 259 29.57 37.17 15.20
CA LEU B 259 29.77 38.53 14.73
C LEU B 259 30.02 39.39 15.96
N LYS B 260 31.25 39.87 16.05
CA LYS B 260 31.65 40.79 17.10
C LYS B 260 31.29 42.19 16.62
N PHE B 261 30.27 42.76 17.25
CA PHE B 261 29.93 44.15 17.02
C PHE B 261 30.84 45.02 17.89
N ASP B 262 31.19 46.18 17.35
CA ASP B 262 32.26 47.03 17.91
C ASP B 262 31.96 47.62 19.28
N CYS B 263 30.70 47.55 19.68
CA CYS B 263 30.28 47.98 21.01
C CYS B 263 30.42 46.88 22.05
N GLY B 264 30.76 45.67 21.63
CA GLY B 264 31.03 44.58 22.55
C GLY B 264 30.10 43.40 22.46
N VAL B 265 28.99 43.54 21.72
CA VAL B 265 28.01 42.47 21.61
C VAL B 265 28.52 41.40 20.65
N GLN B 266 28.33 40.15 21.07
CA GLN B 266 28.59 39.02 20.19
C GLN B 266 27.24 38.50 19.72
N ILE B 267 27.00 38.59 18.42
CA ILE B 267 25.83 37.97 17.80
C ILE B 267 26.28 36.70 17.12
N GLN B 268 25.61 35.61 17.42
CA GLN B 268 25.78 34.37 16.71
C GLN B 268 24.94 34.40 15.43
N LEU B 269 25.52 33.90 14.36
CA LEU B 269 24.86 33.75 13.08
C LEU B 269 24.96 32.28 12.71
N GLY B 270 23.82 31.60 12.64
CA GLY B 270 23.79 30.16 12.40
C GLY B 270 22.99 29.78 11.17
N PHE B 271 23.19 28.54 10.73
CA PHE B 271 22.71 28.08 9.44
C PHE B 271 22.10 26.68 9.55
N ALA B 272 21.17 26.36 8.65
CA ALA B 272 20.66 25.02 8.48
C ALA B 272 20.19 24.81 7.05
N ALA B 273 20.47 23.66 6.46
CA ALA B 273 19.85 23.30 5.17
C ALA B 273 18.53 22.60 5.45
N GLU B 274 17.49 23.01 4.73
CA GLU B 274 16.22 22.31 4.82
C GLU B 274 15.96 21.52 3.54
N PHE B 275 16.32 22.11 2.42
CA PHE B 275 16.24 21.46 1.11
C PHE B 275 17.47 21.89 0.35
N SER B 276 17.74 21.26 -0.80
CA SER B 276 18.89 21.66 -1.62
C SER B 276 18.79 23.09 -2.16
N ASN B 277 17.58 23.66 -2.11
CA ASN B 277 17.33 25.04 -2.50
C ASN B 277 16.70 25.88 -1.39
N VAL B 278 16.79 25.42 -0.14
CA VAL B 278 16.23 26.14 0.99
C VAL B 278 17.17 26.09 2.17
N MET B 279 17.58 27.27 2.62
CA MET B 279 18.43 27.41 3.79
C MET B 279 17.67 28.18 4.86
N ILE B 280 17.83 27.75 6.10
CA ILE B 280 17.44 28.55 7.25
C ILE B 280 18.69 29.28 7.74
N ILE B 281 18.50 30.54 8.08
CA ILE B 281 19.48 31.34 8.81
C ILE B 281 18.86 31.64 10.17
N TYR B 282 19.71 31.77 11.18
CA TYR B 282 19.25 32.20 12.49
C TYR B 282 20.26 33.07 13.20
N THR B 283 19.76 34.02 14.00
CA THR B 283 20.60 34.98 14.71
C THR B 283 20.23 35.05 16.18
N SER B 284 21.23 35.11 17.05
CA SER B 284 21.01 35.19 18.50
C SER B 284 22.13 35.96 19.16
N ILE B 285 21.83 36.64 20.26
CA ILE B 285 22.88 37.25 21.06
C ILE B 285 23.52 36.14 21.92
N VAL B 286 24.85 36.16 22.00
CA VAL B 286 25.57 35.18 22.79
C VAL B 286 26.45 35.80 23.86
N TYR B 287 26.64 37.12 23.81
CA TYR B 287 27.26 37.83 24.91
C TYR B 287 26.80 39.28 24.84
N LYS B 288 26.37 39.78 25.99
CA LYS B 288 26.11 41.20 26.18
C LYS B 288 27.26 41.79 26.97
N PRO B 289 27.82 42.95 26.58
CA PRO B 289 28.83 43.63 27.37
C PRO B 289 28.17 44.37 28.54
N PRO B 290 28.86 44.60 29.66
CA PRO B 290 28.27 45.19 30.85
C PRO B 290 27.76 46.62 30.74
N GLU B 291 28.30 47.37 29.77
CA GLU B 291 27.87 48.73 29.53
C GLU B 291 26.53 48.81 28.79
N ILE B 292 26.04 47.68 28.28
CA ILE B 292 24.82 47.65 27.48
C ILE B 292 23.78 46.85 28.25
N ILE B 293 22.67 47.50 28.56
CA ILE B 293 21.59 46.85 29.29
C ILE B 293 20.67 46.05 28.38
N MET B 294 20.58 46.44 27.12
CA MET B 294 19.57 45.90 26.22
C MET B 294 20.15 45.81 24.83
N CYS B 295 19.84 44.72 24.13
CA CYS B 295 20.18 44.65 22.71
C CYS B 295 19.26 43.70 21.97
N ASP B 296 19.16 43.92 20.67
CA ASP B 296 18.44 43.08 19.72
C ASP B 296 19.26 42.95 18.46
N ALA B 297 19.04 41.88 17.70
CA ALA B 297 19.65 41.72 16.40
C ALA B 297 18.66 41.16 15.40
N TYR B 298 18.88 41.46 14.13
CA TYR B 298 18.01 41.01 13.05
C TYR B 298 18.79 41.00 11.75
N VAL B 299 18.27 40.31 10.74
CA VAL B 299 18.88 40.31 9.42
C VAL B 299 17.99 41.01 8.40
N THR B 300 18.64 41.62 7.42
CA THR B 300 17.97 42.36 6.37
C THR B 300 18.87 42.43 5.12
N ASP B 301 18.36 43.02 4.05
CA ASP B 301 19.18 43.36 2.89
C ASP B 301 19.54 42.18 1.99
N PHE B 302 18.70 41.15 2.03
CA PHE B 302 18.88 39.97 1.18
C PHE B 302 18.67 40.29 -0.31
N PRO B 303 19.26 39.52 -1.23
CA PRO B 303 19.13 39.82 -2.65
C PRO B 303 17.74 39.59 -3.20
N LEU B 304 17.40 40.46 -4.14
CA LEU B 304 16.09 40.46 -4.79
C LEU B 304 15.85 39.23 -5.67
N ASP B 305 16.93 38.56 -6.03
CA ASP B 305 16.88 37.24 -6.67
C ASP B 305 16.14 36.18 -5.86
N LEU B 306 16.23 36.26 -4.54
CA LEU B 306 15.54 35.31 -3.68
C LEU B 306 14.15 35.79 -3.33
N ASP B 307 14.00 37.10 -3.12
CA ASP B 307 12.68 37.71 -2.99
C ASP B 307 11.98 37.45 -1.66
N ILE B 308 12.77 37.39 -0.60
CA ILE B 308 12.28 37.02 0.71
C ILE B 308 11.53 38.21 1.32
N ASP B 309 10.30 37.95 1.76
CA ASP B 309 9.52 38.95 2.47
C ASP B 309 10.05 39.10 3.90
N PRO B 310 10.27 40.33 4.41
CA PRO B 310 10.51 40.56 5.84
C PRO B 310 9.50 39.97 6.82
N LYS B 311 8.27 39.74 6.36
CA LYS B 311 7.27 38.99 7.12
C LYS B 311 7.63 37.53 7.40
N ASP B 312 8.51 36.97 6.58
CA ASP B 312 8.97 35.58 6.74
C ASP B 312 10.39 35.53 7.31
N ALA B 313 10.97 36.69 7.55
CA ALA B 313 12.30 36.80 8.13
C ALA B 313 12.17 37.21 9.59
N ASN B 314 13.18 36.85 10.38
CA ASN B 314 13.32 37.38 11.73
C ASN B 314 12.24 36.92 12.70
N LYS B 315 11.74 35.71 12.47
CA LYS B 315 10.61 35.18 13.21
C LYS B 315 11.11 34.48 14.47
N GLY B 316 10.20 34.18 15.40
CA GLY B 316 10.65 33.75 16.72
C GLY B 316 10.70 32.24 16.95
N THR B 317 10.25 31.50 15.95
CA THR B 317 10.46 30.06 15.84
C THR B 317 10.73 29.76 14.37
N PRO B 318 11.42 28.65 14.03
CA PRO B 318 11.58 28.28 12.63
C PRO B 318 10.29 27.79 11.99
N GLU B 319 9.37 27.30 12.81
CA GLU B 319 8.01 27.01 12.41
C GLU B 319 7.26 28.20 11.83
N GLU B 320 7.52 29.39 12.37
CA GLU B 320 6.93 30.61 11.84
C GLU B 320 7.53 31.06 10.50
N THR B 321 8.69 30.53 10.13
CA THR B 321 9.21 30.80 8.79
C THR B 321 8.63 29.83 7.74
N GLY B 322 7.96 28.78 8.21
CA GLY B 322 7.44 27.75 7.31
C GLY B 322 8.32 26.53 7.22
N SER B 323 9.30 26.42 8.12
CA SER B 323 10.26 25.34 8.03
C SER B 323 9.69 24.05 8.58
N TYR B 324 10.13 22.94 7.97
CA TYR B 324 9.95 21.63 8.58
C TYR B 324 10.82 21.48 9.82
N LEU B 325 12.07 21.96 9.77
CA LEU B 325 12.97 21.74 10.89
C LEU B 325 12.61 22.66 12.06
N VAL B 326 12.23 22.00 13.15
CA VAL B 326 11.59 22.67 14.25
C VAL B 326 12.59 23.06 15.31
N SER B 327 12.12 23.87 16.26
CA SER B 327 12.88 24.29 17.43
C SER B 327 13.31 23.20 18.43
N LYS B 328 12.93 21.94 18.20
CA LYS B 328 13.57 20.84 18.96
C LYS B 328 14.79 20.26 18.24
N ASP B 329 14.97 20.63 16.98
CA ASP B 329 16.11 20.18 16.18
C ASP B 329 17.10 21.33 16.04
N LEU B 330 16.54 22.48 15.68
CA LEU B 330 17.29 23.69 15.46
C LEU B 330 17.50 24.38 16.81
N PRO B 331 18.66 25.00 17.09
CA PRO B 331 18.92 25.75 18.32
C PRO B 331 17.85 26.73 18.74
N LYS B 332 17.50 26.72 20.01
CA LYS B 332 16.42 27.56 20.51
C LYS B 332 16.91 28.95 20.84
N HIS B 333 15.99 29.91 20.74
CA HIS B 333 16.19 31.26 21.26
C HIS B 333 16.79 32.25 20.28
N CYS B 334 16.56 31.99 19.00
CA CYS B 334 17.07 32.84 17.94
C CYS B 334 15.93 33.54 17.25
N LEU B 335 16.31 34.48 16.40
CA LEU B 335 15.41 34.93 15.34
C LEU B 335 15.74 34.09 14.11
N TYR B 336 14.71 33.63 13.42
CA TYR B 336 14.87 32.66 12.34
C TYR B 336 14.39 33.25 11.03
N THR B 337 15.11 32.95 9.97
CA THR B 337 14.85 33.48 8.63
C THR B 337 14.98 32.31 7.68
N ARG B 338 14.12 32.23 6.68
CA ARG B 338 14.19 31.15 5.71
C ARG B 338 14.44 31.73 4.33
N LEU B 339 15.54 31.30 3.74
CA LEU B 339 15.91 31.67 2.40
C LEU B 339 15.52 30.52 1.48
N SER B 340 14.38 30.71 0.83
CA SER B 340 13.96 29.76 -0.20
C SER B 340 14.45 30.27 -1.54
N SER B 341 14.54 29.37 -2.51
CA SER B 341 14.79 29.78 -3.89
C SER B 341 16.25 30.03 -4.21
N LEU B 342 17.14 29.31 -3.54
CA LEU B 342 18.58 29.50 -3.74
C LEU B 342 19.07 29.27 -5.17
N GLN B 343 18.32 28.49 -5.94
CA GLN B 343 18.64 28.28 -7.35
C GLN B 343 18.44 29.51 -8.24
N LYS B 344 17.79 30.54 -7.72
CA LYS B 344 17.58 31.77 -8.48
C LYS B 344 18.66 32.82 -8.21
N LEU B 345 19.59 32.54 -7.30
CA LEU B 345 20.65 33.48 -6.93
C LEU B 345 21.75 33.52 -8.00
N LYS B 346 21.90 34.68 -8.65
CA LYS B 346 22.98 34.82 -9.65
C LYS B 346 24.23 35.49 -9.10
N GLU B 347 24.08 36.26 -8.04
CA GLU B 347 25.23 36.87 -7.38
C GLU B 347 25.65 36.00 -6.19
N HIS B 348 26.36 36.59 -5.23
CA HIS B 348 26.47 35.96 -3.93
C HIS B 348 25.29 36.36 -3.08
N LEU B 349 25.03 35.52 -2.08
CA LEU B 349 24.08 35.84 -1.03
C LEU B 349 24.81 36.74 -0.06
N VAL B 350 24.38 37.99 -0.04
CA VAL B 350 24.93 39.02 0.80
C VAL B 350 23.77 39.60 1.59
N PHE B 351 24.00 39.86 2.86
CA PHE B 351 22.95 40.37 3.73
C PHE B 351 23.55 41.19 4.84
N THR B 352 22.72 42.00 5.46
CA THR B 352 23.13 42.81 6.58
C THR B 352 22.59 42.14 7.83
N VAL B 353 23.45 42.00 8.83
CA VAL B 353 23.00 41.75 10.18
C VAL B 353 23.01 43.10 10.88
N CYS B 354 21.88 43.46 11.46
CA CYS B 354 21.77 44.67 12.26
C CYS B 354 21.86 44.33 13.73
N LEU B 355 22.37 45.28 14.49
CA LEU B 355 22.27 45.28 15.94
C LEU B 355 21.57 46.56 16.34
N SER B 356 20.71 46.47 17.34
CA SER B 356 20.19 47.64 18.04
C SER B 356 20.48 47.45 19.51
N TYR B 357 20.85 48.51 20.22
CA TYR B 357 21.26 48.38 21.61
C TYR B 357 20.99 49.63 22.43
N GLN B 358 21.11 49.51 23.75
CA GLN B 358 20.98 50.64 24.64
C GLN B 358 21.97 50.54 25.78
N TYR B 359 22.66 51.64 26.03
CA TYR B 359 23.66 51.69 27.09
C TYR B 359 23.02 51.88 28.45
N SER B 360 23.69 51.33 29.46
CA SER B 360 23.34 51.56 30.85
C SER B 360 23.43 53.05 31.24
N GLY B 361 22.29 53.64 31.52
CA GLY B 361 22.28 55.03 31.98
C GLY B 361 21.83 56.03 30.93
N LEU B 362 21.73 55.58 29.68
CA LEU B 362 21.47 56.47 28.57
C LEU B 362 20.06 56.29 28.07
N GLU B 363 19.51 57.37 27.54
CA GLU B 363 18.18 57.36 26.95
C GLU B 363 18.19 56.90 25.49
N ASP B 364 19.38 56.86 24.90
CA ASP B 364 19.51 56.68 23.46
C ASP B 364 19.59 55.22 23.09
N THR B 365 18.69 54.77 22.24
CA THR B 365 18.87 53.50 21.56
C THR B 365 19.82 53.73 20.38
N VAL B 366 20.86 52.93 20.36
CA VAL B 366 21.95 53.02 19.40
C VAL B 366 21.77 51.85 18.44
N GLU B 367 22.25 51.99 17.21
CA GLU B 367 22.13 50.89 16.25
C GLU B 367 23.30 50.84 15.29
N ASP B 368 23.60 49.65 14.80
CA ASP B 368 24.74 49.41 13.92
C ASP B 368 24.45 48.26 12.95
N LYS B 369 25.24 48.21 11.88
CA LYS B 369 25.09 47.23 10.81
C LYS B 369 26.41 46.49 10.62
N GLN B 370 26.33 45.23 10.24
CA GLN B 370 27.46 44.48 9.71
C GLN B 370 26.99 43.72 8.48
N GLU B 371 27.70 43.88 7.36
CA GLU B 371 27.36 43.13 6.15
C GLU B 371 28.08 41.79 6.16
N VAL B 372 27.35 40.76 5.78
CA VAL B 372 27.84 39.40 5.66
C VAL B 372 27.80 39.03 4.18
N ASN B 373 28.85 38.37 3.71
CA ASN B 373 28.77 37.61 2.45
C ASN B 373 28.78 36.14 2.84
N VAL B 374 27.88 35.38 2.25
CA VAL B 374 27.78 33.95 2.49
C VAL B 374 28.29 33.13 1.31
N GLY B 375 28.34 33.74 0.13
CA GLY B 375 28.79 33.00 -1.04
C GLY B 375 27.60 32.56 -1.87
N LYS B 376 27.71 31.38 -2.45
CA LYS B 376 26.60 30.77 -3.16
C LYS B 376 26.24 29.46 -2.47
N PRO B 377 25.31 29.44 -1.50
CA PRO B 377 25.05 28.26 -0.69
C PRO B 377 24.22 27.21 -1.42
N LEU B 378 24.58 25.94 -1.22
CA LEU B 378 23.78 24.81 -1.69
C LEU B 378 23.70 24.73 -3.22
N ILE B 379 22.50 24.54 -3.77
CA ILE B 379 22.33 24.44 -5.22
C ILE B 379 22.73 25.70 -5.99
N ALA B 380 22.83 26.84 -5.29
CA ALA B 380 23.30 28.06 -5.93
C ALA B 380 24.72 27.98 -6.48
N LYS B 381 25.52 27.10 -5.88
CA LYS B 381 26.91 26.88 -6.27
C LYS B 381 27.09 26.28 -7.67
N LEU B 382 26.00 25.80 -8.28
CA LEU B 382 26.03 25.35 -9.66
C LEU B 382 26.02 26.51 -10.65
N ASP B 383 25.43 27.63 -10.25
CA ASP B 383 25.54 28.88 -10.99
C ASP B 383 24.69 28.92 -12.26
N MET B 384 23.37 28.84 -12.08
CA MET B 384 22.44 28.87 -13.21
C MET B 384 21.27 29.79 -12.89
CA CA C . -0.07 -15.09 2.00
CA CA D . -3.94 -8.88 -22.51
CA CA E . -30.55 -31.99 -5.13
CA CA F . -8.38 -62.44 12.12
N1 A1BM0 G . -23.96 -14.25 1.14
N3 A1BM0 G . -22.27 -14.07 -0.56
C4 A1BM0 G . -23.37 -12.76 2.51
C5 A1BM0 G . -22.43 -12.70 1.49
C6 A1BM0 G . -22.78 -13.65 0.60
C7 A1BM0 G . -22.87 -15.09 -1.16
C8 A1BM0 G . -24.07 -15.73 -0.68
C10 A1BM0 G . -24.41 -19.65 -3.61
C13 A1BM0 G . -23.88 -21.89 -5.14
C15 A1BM0 G . -23.16 -25.05 -6.29
C17 A1BM0 G . -27.16 -15.44 0.45
C1 A1BM0 G . -25.76 -17.36 1.46
C2 A1BM0 G . -25.86 -15.85 1.17
C3 A1BM0 G . -24.61 -15.27 0.51
N2 A1BM0 G . -24.31 -13.65 2.35
CL1 A1BM0 G . -23.35 -11.79 3.88
N4 A1BM0 G . -24.67 -16.81 -1.40
C9 A1BM0 G . -23.99 -17.69 -2.16
O1 A1BM0 G . -22.78 -17.73 -2.23
N5 A1BM0 G . -24.83 -18.51 -2.82
C11 A1BM0 G . -23.11 -20.19 -3.55
C12 A1BM0 G . -22.84 -21.34 -4.32
CL2 A1BM0 G . -21.25 -22.04 -4.27
N6 A1BM0 G . -23.68 -23.10 -5.88
N7 A1BM0 G . -24.37 -23.36 -7.06
C14 A1BM0 G . -24.03 -24.60 -7.26
N8 A1BM0 G . -22.88 -24.13 -5.42
N9 A1BM0 G . -25.09 -21.29 -5.24
C16 A1BM0 G . -25.36 -20.23 -4.46
HC5 A1BM0 G . -21.58 -12.04 1.44
HC7 A1BM0 G . -22.43 -15.42 -2.09
HC15 A1BM0 G . -22.72 -26.04 -6.20
H171 A1BM0 G . -27.25 -14.36 0.41
H173 A1BM0 G . -28.03 -15.82 0.97
H172 A1BM0 G . -27.19 -15.80 -0.58
H11 A1BM0 G . -26.59 -17.69 2.09
H13 A1BM0 G . -24.84 -17.60 1.99
H12 A1BM0 G . -25.80 -17.97 0.56
HC2 A1BM0 G . -25.96 -15.42 2.16
HN4 A1BM0 G . -25.67 -16.92 -1.29
HN5 A1BM0 G . -25.82 -18.33 -2.76
HC11 A1BM0 G . -22.35 -19.79 -2.91
HC14 A1BM0 G . -24.43 -25.15 -8.10
HC16 A1BM0 G . -26.35 -19.84 -4.52
CA CA H . 2.13 13.93 4.05
CA CA I . 27.46 9.35 -16.72
CA CA J . 30.22 35.31 -17.65
CA CA K . 20.70 57.08 18.38
N1 A1BM0 L . 22.12 15.25 -8.20
N3 A1BM0 L . 19.78 15.31 -8.80
C4 A1BM0 L . 22.23 13.51 -7.04
C5 A1BM0 L . 20.90 13.57 -7.43
C6 A1BM0 L . 20.80 14.71 -8.17
C7 A1BM0 L . 20.05 16.46 -9.41
C8 A1BM0 L . 21.34 17.05 -9.49
C10 A1BM0 L . 20.40 21.49 -11.30
C13 A1BM0 L . 19.31 23.97 -11.84
C15 A1BM0 L . 18.33 27.26 -11.80
C17 A1BM0 L . 24.56 16.67 -10.16
C1 A1BM0 L . 23.98 18.40 -8.40
C2 A1BM0 L . 23.84 16.94 -8.85
C3 A1BM0 L . 22.39 16.41 -8.86
N2 A1BM0 L . 23.01 14.47 -7.47
CL1 A1BM0 L . 22.84 12.27 -6.07
N4 A1BM0 L . 21.57 18.28 -10.20
C9 A1BM0 L . 20.65 19.26 -10.29
O1 A1BM0 L . 19.58 19.24 -9.71
N5 A1BM0 L . 21.08 20.23 -11.10
C11 A1BM0 L . 19.38 21.96 -10.46
C12 A1BM0 L . 18.83 23.23 -10.71
CL2 A1BM0 L . 17.58 23.84 -9.67
N6 A1BM0 L . 18.83 25.29 -12.11
N7 A1BM0 L . 18.87 25.82 -13.40
C14 A1BM0 L . 18.58 27.06 -13.14
N8 A1BM0 L . 18.43 26.16 -11.12
N9 A1BM0 L . 20.24 23.46 -12.69
C16 A1BM0 L . 20.79 22.28 -12.39
HC5 A1BM0 L . 20.11 12.89 -7.18
HC7 A1BM0 L . 19.21 16.94 -9.92
HC15 A1BM0 L . 18.07 28.19 -11.30
H171 A1BM0 L . 24.72 15.60 -10.31
H173 A1BM0 L . 25.53 17.16 -10.20
H172 A1BM0 L . 24.00 17.03 -11.01
H11 A1BM0 L . 25.01 18.64 -8.19
H13 A1BM0 L . 23.39 18.61 -7.51
H12 A1BM0 L . 23.68 19.11 -9.18
HC2 A1BM0 L . 24.39 16.40 -8.08
HN4 A1BM0 L . 22.48 18.42 -10.61
HN5 A1BM0 L . 21.94 20.10 -11.61
HC11 A1BM0 L . 19.04 21.40 -9.60
HC14 A1BM0 L . 18.55 27.79 -13.94
HC16 A1BM0 L . 21.57 21.94 -13.05
#